data_5QK7
#
_entry.id   5QK7
#
_cell.length_a   48.577
_cell.length_b   59.461
_cell.length_c   80.404
_cell.angle_alpha   79.390
_cell.angle_beta   82.310
_cell.angle_gamma   76.190
#
_symmetry.space_group_name_H-M   'P 1'
#
loop_
_entity.id
_entity.type
_entity.pdbx_description
1 polymer 'ADP-sugar pyrophosphatase'
2 non-polymer 'MAGNESIUM ION'
3 non-polymer 'CHLORIDE ION'
4 non-polymer 1,2-ETHANEDIOL
5 non-polymer 5-chloro-4-[(1-methyl-1H-pyrazol-4-yl)oxy]pyrimidine
6 water water
#
_entity_poly.entity_id   1
_entity_poly.type   'polypeptide(L)'
_entity_poly.pdbx_seq_one_letter_code
;SMESQEPTESSQNGKQYIISEELISEGKWVKLEKTTYMDPTGKTRTWESVKRTTRKEQTADGVAVIPVLQRTLHYECIVL
VKQFRPPMGGYCIEFPAGLIDDGETPEAAALRELEEETGYKGDIAECSPAVCMDPGLSNCTIHIVTVTINGDDAENARPK
PKPGDGEFVEVISLPKNDLLQRLDALVAEEHLTVDARVYSYALALKHAN
;
_entity_poly.pdbx_strand_id   A,B,C,D
#
# COMPACT_ATOMS: atom_id res chain seq x y z
N LYS A 15 -1.32 6.69 -46.81
CA LYS A 15 -2.61 7.38 -47.11
C LYS A 15 -2.52 8.85 -46.68
N GLN A 16 -2.52 9.14 -45.35
CA GLN A 16 -2.76 10.55 -44.88
C GLN A 16 -1.53 11.37 -44.59
N TYR A 17 -1.67 12.70 -44.73
CA TYR A 17 -0.53 13.60 -44.64
C TYR A 17 -0.95 15.06 -44.60
N ILE A 18 -0.01 15.86 -44.14
CA ILE A 18 -0.20 17.26 -43.93
C ILE A 18 0.03 17.97 -45.27
N ILE A 19 -0.97 18.80 -45.64
CA ILE A 19 -0.95 19.69 -46.81
C ILE A 19 -0.37 21.07 -46.48
N SER A 20 -0.88 21.70 -45.43
CA SER A 20 -0.33 22.99 -45.04
C SER A 20 -0.57 23.28 -43.58
N GLU A 21 0.23 24.17 -43.00
CA GLU A 21 0.09 24.57 -41.59
C GLU A 21 0.11 26.10 -41.57
N GLU A 22 -1.01 26.73 -41.18
CA GLU A 22 -1.21 28.17 -41.21
C GLU A 22 -1.28 28.68 -39.78
N LEU A 23 -0.39 29.61 -39.45
CA LEU A 23 -0.36 30.19 -38.11
C LEU A 23 -1.65 30.99 -37.89
N ILE A 24 -2.34 30.75 -36.77
CA ILE A 24 -3.51 31.51 -36.37
C ILE A 24 -3.21 32.49 -35.23
N SER A 25 -2.40 32.10 -34.27
CA SER A 25 -2.08 32.98 -33.15
C SER A 25 -0.82 32.45 -32.50
N GLU A 26 0.10 33.33 -32.15
CA GLU A 26 1.40 32.94 -31.62
C GLU A 26 1.63 33.76 -30.38
N GLY A 27 1.80 33.09 -29.22
CA GLY A 27 2.27 33.75 -28.00
C GLY A 27 3.75 33.56 -27.83
N LYS A 28 4.27 33.84 -26.64
CA LYS A 28 5.65 33.55 -26.32
C LYS A 28 6.04 32.07 -26.27
N TRP A 29 5.06 31.25 -25.88
CA TRP A 29 5.27 29.84 -25.52
C TRP A 29 4.47 28.81 -26.33
N VAL A 30 3.26 29.18 -26.73
CA VAL A 30 2.35 28.32 -27.46
C VAL A 30 1.79 29.06 -28.67
N LYS A 31 1.59 28.33 -29.74
CA LYS A 31 0.87 28.80 -30.88
C LYS A 31 -0.23 27.82 -31.31
N LEU A 32 -1.25 28.41 -31.93
CA LEU A 32 -2.36 27.72 -32.50
C LEU A 32 -2.29 27.84 -34.04
N GLU A 33 -2.44 26.70 -34.72
CA GLU A 33 -2.34 26.59 -36.14
C GLU A 33 -3.58 25.96 -36.76
N LYS A 34 -3.90 26.39 -37.98
CA LYS A 34 -4.93 25.73 -38.79
C LYS A 34 -4.21 24.71 -39.66
N THR A 35 -4.52 23.44 -39.46
CA THR A 35 -3.80 22.34 -40.14
C THR A 35 -4.69 21.85 -41.26
N THR A 36 -4.16 21.81 -42.50
CA THR A 36 -4.90 21.29 -43.61
C THR A 36 -4.23 19.99 -43.95
N TYR A 37 -5.01 18.91 -44.02
CA TYR A 37 -4.49 17.58 -44.33
C TYR A 37 -5.38 16.80 -45.26
N MET A 38 -4.79 15.75 -45.79
CA MET A 38 -5.42 14.87 -46.73
C MET A 38 -5.93 13.65 -45.99
N ASP A 39 -7.26 13.47 -46.03
CA ASP A 39 -7.87 12.28 -45.41
C ASP A 39 -7.68 11.05 -46.35
N PRO A 40 -7.96 9.85 -45.86
CA PRO A 40 -7.66 8.66 -46.68
C PRO A 40 -8.68 8.34 -47.78
N THR A 41 -9.83 9.03 -47.79
CA THR A 41 -10.77 9.01 -48.95
C THR A 41 -10.24 9.85 -50.13
N GLY A 42 -9.31 10.76 -49.87
CA GLY A 42 -8.78 11.70 -50.87
C GLY A 42 -9.28 13.13 -50.66
N LYS A 43 -10.16 13.30 -49.68
CA LYS A 43 -10.69 14.61 -49.37
C LYS A 43 -9.72 15.41 -48.45
N THR A 44 -9.65 16.70 -48.75
CA THR A 44 -8.92 17.71 -48.00
C THR A 44 -9.75 18.02 -46.71
N ARG A 45 -9.12 18.01 -45.52
CA ARG A 45 -9.75 18.48 -44.26
C ARG A 45 -8.84 19.37 -43.37
N THR A 46 -9.46 20.06 -42.39
CA THR A 46 -8.73 20.92 -41.44
C THR A 46 -8.85 20.49 -39.95
N TRP A 47 -7.98 21.04 -39.13
CA TRP A 47 -7.86 20.69 -37.70
C TRP A 47 -7.28 21.91 -37.05
N GLU A 48 -7.62 22.16 -35.81
CA GLU A 48 -6.95 23.19 -35.03
C GLU A 48 -5.85 22.59 -34.15
N SER A 49 -4.59 22.92 -34.41
CA SER A 49 -3.43 22.33 -33.76
C SER A 49 -2.74 23.28 -32.86
N VAL A 50 -2.32 22.75 -31.70
CA VAL A 50 -1.51 23.48 -30.76
C VAL A 50 -0.04 23.03 -30.86
N LYS A 51 0.88 23.98 -30.79
CA LYS A 51 2.29 23.65 -30.73
C LYS A 51 3.01 24.54 -29.76
N ARG A 52 4.15 24.09 -29.28
CA ARG A 52 4.99 24.97 -28.55
C ARG A 52 5.89 25.72 -29.54
N THR A 53 6.30 26.92 -29.11
CA THR A 53 7.23 27.78 -29.84
C THR A 53 8.70 27.50 -29.48
N THR A 54 8.92 26.77 -28.40
CA THR A 54 10.20 26.51 -27.83
C THR A 54 10.96 25.33 -28.46
N ARG A 55 10.35 24.55 -29.33
CA ARG A 55 10.96 23.31 -29.79
C ARG A 55 11.95 23.61 -30.90
N LYS A 56 13.18 23.19 -30.71
CA LYS A 56 14.25 23.52 -31.64
C LYS A 56 14.65 22.24 -32.33
N GLU A 57 15.89 21.81 -32.17
CA GLU A 57 16.33 20.51 -32.75
C GLU A 57 16.21 19.34 -31.74
N GLN A 58 15.49 19.52 -30.62
CA GLN A 58 15.34 18.45 -29.62
C GLN A 58 14.44 17.38 -30.24
N THR A 59 14.69 16.15 -29.81
CA THR A 59 13.91 15.01 -30.29
C THR A 59 12.49 15.00 -29.67
N ALA A 60 12.25 15.88 -28.69
CA ALA A 60 10.96 16.03 -28.08
C ALA A 60 10.96 17.38 -27.38
N ASP A 61 9.78 17.88 -27.00
CA ASP A 61 9.73 19.07 -26.22
C ASP A 61 10.38 18.94 -24.87
N GLY A 62 10.02 17.86 -24.16
CA GLY A 62 10.44 17.68 -22.81
C GLY A 62 10.76 16.24 -22.42
N VAL A 63 11.00 16.08 -21.13
CA VAL A 63 11.09 14.80 -20.48
C VAL A 63 10.16 14.74 -19.28
N ALA A 64 9.71 13.54 -19.01
CA ALA A 64 9.15 13.16 -17.69
C ALA A 64 9.96 12.01 -17.09
N VAL A 65 10.19 12.09 -15.80
CA VAL A 65 11.09 11.19 -15.15
C VAL A 65 10.24 10.24 -14.28
N ILE A 66 10.42 8.96 -14.49
CA ILE A 66 9.89 7.91 -13.55
C ILE A 66 10.98 7.55 -12.56
N PRO A 67 11.01 8.18 -11.37
CA PRO A 67 12.11 8.02 -10.45
C PRO A 67 11.79 6.97 -9.39
N VAL A 68 12.47 5.84 -9.49
CA VAL A 68 12.28 4.72 -8.57
C VAL A 68 13.31 4.81 -7.47
N LEU A 69 12.85 5.15 -6.29
CA LEU A 69 13.68 5.38 -5.13
C LEU A 69 13.87 4.07 -4.43
N GLN A 70 15.14 3.63 -4.35
CA GLN A 70 15.47 2.26 -3.91
C GLN A 70 16.33 2.40 -2.69
N ARG A 71 15.95 1.71 -1.59
CA ARG A 71 16.69 1.77 -0.33
C ARG A 71 16.57 0.45 0.37
N THR A 72 17.66 0.04 1.02
CA THR A 72 17.73 -1.31 1.64
C THR A 72 16.66 -1.35 2.75
N LEU A 73 15.89 -2.41 2.75
CA LEU A 73 14.84 -2.67 3.80
C LEU A 73 13.66 -1.69 3.70
N HIS A 74 13.49 -1.13 2.49
CA HIS A 74 12.33 -0.28 2.14
C HIS A 74 11.72 -0.84 0.87
N TYR A 75 10.41 -0.71 0.81
CA TYR A 75 9.69 -0.88 -0.39
C TYR A 75 10.14 0.25 -1.34
N GLU A 76 10.23 -0.09 -2.60
CA GLU A 76 10.50 0.93 -3.68
C GLU A 76 9.41 1.96 -3.69
N CYS A 77 9.80 3.21 -3.91
CA CYS A 77 8.87 4.34 -3.98
C CYS A 77 9.00 4.97 -5.33
N ILE A 78 7.86 5.48 -5.80
CA ILE A 78 7.82 6.32 -6.98
C ILE A 78 7.84 7.77 -6.48
N VAL A 79 8.77 8.56 -7.00
CA VAL A 79 8.96 9.94 -6.53
C VAL A 79 8.11 10.85 -7.49
N LEU A 80 7.20 11.64 -6.94
CA LEU A 80 6.30 12.48 -7.71
C LEU A 80 6.38 13.89 -7.20
N VAL A 81 5.87 14.81 -8.00
CA VAL A 81 5.88 16.21 -7.58
C VAL A 81 4.49 16.80 -7.62
N LYS A 82 4.26 17.80 -6.77
CA LYS A 82 2.95 18.50 -6.68
C LYS A 82 3.24 19.96 -6.89
N GLN A 83 2.60 20.58 -7.89
CA GLN A 83 2.78 22.01 -8.25
C GLN A 83 1.47 22.64 -8.64
N PHE A 84 1.35 23.94 -8.47
CA PHE A 84 0.29 24.67 -9.07
C PHE A 84 0.52 24.73 -10.58
N ARG A 85 -0.53 24.45 -11.28
CA ARG A 85 -0.57 24.49 -12.71
C ARG A 85 -1.61 25.50 -13.24
N PRO A 86 -1.11 26.65 -13.73
CA PRO A 86 -2.04 27.69 -14.19
C PRO A 86 -3.08 27.27 -15.18
N PRO A 87 -2.76 26.43 -16.19
CA PRO A 87 -3.81 26.00 -17.10
C PRO A 87 -4.93 25.21 -16.45
N MET A 88 -4.58 24.43 -15.43
CA MET A 88 -5.56 23.68 -14.62
C MET A 88 -6.30 24.48 -13.56
N GLY A 89 -5.83 25.68 -13.21
CA GLY A 89 -6.41 26.45 -12.10
C GLY A 89 -6.25 25.72 -10.74
N GLY A 90 -5.20 24.92 -10.57
CA GLY A 90 -5.03 24.15 -9.35
C GLY A 90 -3.79 23.28 -9.35
N TYR A 91 -3.70 22.49 -8.28
CA TYR A 91 -2.54 21.65 -8.02
C TYR A 91 -2.65 20.30 -8.64
N CYS A 92 -1.51 19.83 -9.14
CA CYS A 92 -1.46 18.57 -9.87
C CYS A 92 -0.32 17.75 -9.38
N ILE A 93 -0.49 16.42 -9.41
CA ILE A 93 0.57 15.50 -9.00
C ILE A 93 1.03 14.81 -10.23
N GLU A 94 2.33 14.87 -10.47
CA GLU A 94 2.89 14.45 -11.74
C GLU A 94 4.29 13.85 -11.52
N PHE A 95 4.77 13.16 -12.51
CA PHE A 95 6.19 12.80 -12.57
C PHE A 95 7.02 14.06 -12.76
N PRO A 96 8.18 14.14 -12.10
CA PRO A 96 9.12 15.20 -12.40
C PRO A 96 9.31 15.32 -13.88
N ALA A 97 9.31 16.56 -14.35
CA ALA A 97 9.32 16.85 -15.78
C ALA A 97 9.78 18.29 -16.08
N GLY A 98 10.40 18.44 -17.25
CA GLY A 98 10.68 19.75 -17.85
C GLY A 98 11.02 19.68 -19.29
N LEU A 99 11.14 20.85 -19.88
CA LEU A 99 11.50 20.94 -21.29
C LEU A 99 13.00 20.62 -21.45
N ILE A 100 13.36 20.12 -22.62
CA ILE A 100 14.76 19.77 -22.90
C ILE A 100 15.43 21.06 -23.38
N ASP A 101 16.49 21.52 -22.69
CA ASP A 101 17.28 22.73 -23.21
C ASP A 101 17.91 22.44 -24.56
N ASP A 102 18.07 23.47 -25.42
CA ASP A 102 18.77 23.34 -26.69
C ASP A 102 20.11 22.65 -26.50
N GLY A 103 20.38 21.59 -27.25
CA GLY A 103 21.63 20.85 -27.20
C GLY A 103 21.74 19.83 -26.08
N GLU A 104 20.73 19.76 -25.19
CA GLU A 104 20.72 18.85 -24.07
C GLU A 104 20.15 17.51 -24.57
N THR A 105 20.77 16.43 -24.13
CA THR A 105 20.20 15.13 -24.33
C THR A 105 18.94 14.83 -23.42
N PRO A 106 18.06 13.92 -23.85
CA PRO A 106 16.86 13.62 -22.97
C PRO A 106 17.33 13.12 -21.59
N GLU A 107 18.34 12.27 -21.56
CA GLU A 107 18.87 11.75 -20.27
C GLU A 107 19.42 12.81 -19.39
N ALA A 108 20.12 13.81 -19.93
CA ALA A 108 20.73 14.83 -19.09
C ALA A 108 19.61 15.70 -18.56
N ALA A 109 18.66 15.98 -19.46
CA ALA A 109 17.50 16.78 -19.03
C ALA A 109 16.70 16.11 -17.88
N ALA A 110 16.43 14.80 -18.04
CA ALA A 110 15.79 13.99 -16.95
C ALA A 110 16.54 14.06 -15.63
N LEU A 111 17.86 13.82 -15.69
CA LEU A 111 18.66 13.83 -14.44
C LEU A 111 18.65 15.21 -13.85
N ARG A 112 18.75 16.23 -14.71
CA ARG A 112 18.79 17.59 -14.26
C ARG A 112 17.46 18.00 -13.66
N GLU A 113 16.39 17.74 -14.36
CA GLU A 113 15.04 18.09 -13.84
C GLU A 113 14.72 17.33 -12.54
N LEU A 114 15.03 16.05 -12.49
CA LEU A 114 14.83 15.32 -11.21
C LEU A 114 15.59 15.98 -10.05
N GLU A 115 16.84 16.36 -10.26
CA GLU A 115 17.58 17.00 -9.16
C GLU A 115 16.96 18.36 -8.83
N GLU A 116 16.56 19.14 -9.83
CA GLU A 116 16.02 20.48 -9.54
C GLU A 116 14.69 20.43 -8.84
N GLU A 117 13.83 19.52 -9.28
CA GLU A 117 12.49 19.38 -8.68
C GLU A 117 12.49 18.63 -7.37
N THR A 118 13.39 17.66 -7.18
CA THR A 118 13.41 16.82 -5.93
C THR A 118 14.60 16.83 -5.01
N GLY A 119 15.76 17.25 -5.51
CA GLY A 119 16.99 17.10 -4.78
C GLY A 119 17.64 15.74 -5.02
N TYR A 120 16.96 14.73 -5.60
CA TYR A 120 17.61 13.47 -5.84
C TYR A 120 18.58 13.46 -7.03
N LYS A 121 19.71 12.73 -6.87
CA LYS A 121 20.59 12.37 -7.96
C LYS A 121 20.35 10.97 -8.36
N GLY A 122 19.87 10.78 -9.57
CA GLY A 122 19.53 9.50 -10.05
C GLY A 122 20.55 8.90 -10.95
N ASP A 123 20.28 7.68 -11.33
CA ASP A 123 21.07 6.93 -12.32
C ASP A 123 20.10 6.56 -13.43
N ILE A 124 20.45 6.82 -14.67
CA ILE A 124 19.64 6.41 -15.78
C ILE A 124 19.43 4.92 -15.82
N ALA A 125 18.15 4.51 -16.03
CA ALA A 125 17.82 3.10 -16.33
C ALA A 125 17.44 2.88 -17.74
N GLU A 126 16.50 3.67 -18.24
CA GLU A 126 16.02 3.54 -19.64
C GLU A 126 15.41 4.84 -20.08
N CYS A 127 15.26 4.97 -21.38
CA CYS A 127 14.79 6.21 -22.05
C CYS A 127 13.90 5.80 -23.17
N SER A 128 12.66 6.31 -23.19
CA SER A 128 11.71 5.92 -24.26
C SER A 128 12.04 6.67 -25.52
N PRO A 129 11.51 6.22 -26.67
CA PRO A 129 11.36 7.17 -27.78
C PRO A 129 10.43 8.33 -27.42
N ALA A 130 10.43 9.33 -28.26
CA ALA A 130 9.52 10.43 -28.15
C ALA A 130 8.05 9.93 -28.15
N VAL A 131 7.27 10.34 -27.16
CA VAL A 131 5.86 9.90 -27.07
C VAL A 131 4.98 11.12 -26.98
N CYS A 132 3.79 11.03 -27.54
CA CYS A 132 2.86 12.18 -27.63
C CYS A 132 2.02 12.37 -26.42
N MET A 133 1.86 13.63 -26.08
CA MET A 133 1.18 14.03 -24.88
C MET A 133 -0.35 14.08 -25.08
N ASP A 134 -0.83 14.57 -26.22
CA ASP A 134 -2.27 14.68 -26.44
C ASP A 134 -2.47 14.92 -27.90
N PRO A 135 -2.36 13.85 -28.70
CA PRO A 135 -2.05 14.01 -30.11
C PRO A 135 -3.25 14.46 -30.96
N GLY A 136 -4.47 14.37 -30.42
CA GLY A 136 -5.63 15.03 -31.07
C GLY A 136 -5.64 16.55 -30.91
N LEU A 137 -4.88 17.06 -29.94
CA LEU A 137 -4.81 18.49 -29.68
C LEU A 137 -3.46 19.18 -30.10
N SER A 138 -2.33 18.53 -29.80
CA SER A 138 -1.05 19.19 -29.92
C SER A 138 -0.01 18.28 -30.49
N ASN A 139 1.11 18.88 -30.88
CA ASN A 139 2.20 18.04 -31.33
C ASN A 139 3.20 17.74 -30.17
N CYS A 140 2.92 18.14 -28.94
CA CYS A 140 3.89 18.03 -27.87
C CYS A 140 4.29 16.57 -27.61
N THR A 141 5.58 16.40 -27.33
CA THR A 141 6.16 15.06 -27.18
C THR A 141 7.13 15.13 -26.04
N ILE A 142 7.37 13.96 -25.46
CA ILE A 142 8.39 13.85 -24.41
C ILE A 142 9.13 12.56 -24.58
N HIS A 143 10.27 12.47 -23.90
CA HIS A 143 10.85 11.18 -23.51
C HIS A 143 10.51 10.86 -22.09
N ILE A 144 10.07 9.65 -21.90
CA ILE A 144 9.86 9.12 -20.54
C ILE A 144 11.15 8.45 -20.11
N VAL A 145 11.79 8.99 -19.13
CA VAL A 145 13.10 8.48 -18.72
C VAL A 145 12.99 7.83 -17.37
N THR A 146 13.25 6.54 -17.32
CA THR A 146 13.24 5.82 -16.01
C THR A 146 14.58 5.97 -15.38
N VAL A 147 14.61 6.30 -14.08
CA VAL A 147 15.80 6.62 -13.33
C VAL A 147 15.67 5.97 -11.96
N THR A 148 16.70 5.27 -11.53
CA THR A 148 16.73 4.70 -10.18
C THR A 148 17.47 5.68 -9.27
N ILE A 149 17.04 5.81 -8.04
CA ILE A 149 17.69 6.65 -7.10
C ILE A 149 18.19 5.78 -6.00
N ASN A 150 19.49 5.86 -5.74
CA ASN A 150 20.04 5.02 -4.70
C ASN A 150 19.82 5.80 -3.43
N GLY A 151 18.74 5.49 -2.67
CA GLY A 151 18.45 6.28 -1.48
C GLY A 151 19.39 5.97 -0.30
N ASP A 152 20.25 4.95 -0.40
CA ASP A 152 21.27 4.69 0.66
C ASP A 152 22.49 5.60 0.48
N ASP A 153 22.69 6.17 -0.72
CA ASP A 153 23.85 7.02 -0.96
C ASP A 153 23.67 8.33 -0.18
N ALA A 154 24.77 8.79 0.42
CA ALA A 154 24.76 10.03 1.19
C ALA A 154 24.31 11.22 0.35
N GLU A 155 24.69 11.24 -0.94
CA GLU A 155 24.20 12.26 -1.91
C GLU A 155 22.69 12.49 -1.82
N ASN A 156 21.94 11.47 -1.39
CA ASN A 156 20.49 11.38 -1.51
C ASN A 156 19.79 11.27 -0.19
N ALA A 157 20.49 11.68 0.89
CA ALA A 157 20.03 11.48 2.26
C ALA A 157 18.96 12.50 2.61
N ARG A 158 19.31 13.77 2.51
CA ARG A 158 18.43 14.89 2.93
C ARG A 158 18.25 15.87 1.74
N PRO A 159 17.88 15.35 0.55
CA PRO A 159 17.92 16.05 -0.74
C PRO A 159 17.19 17.41 -0.74
N LYS A 160 17.89 18.46 -1.21
CA LYS A 160 17.34 19.81 -1.41
C LYS A 160 16.86 20.09 -2.87
N PRO A 161 15.54 20.27 -3.07
CA PRO A 161 15.07 20.85 -4.34
C PRO A 161 15.73 22.22 -4.60
N LYS A 162 16.34 22.39 -5.79
CA LYS A 162 16.89 23.67 -6.27
C LYS A 162 15.96 24.25 -7.35
N PRO A 163 14.74 24.68 -6.96
CA PRO A 163 13.80 25.09 -8.00
C PRO A 163 14.20 26.41 -8.69
N GLY A 164 13.95 26.49 -10.00
CA GLY A 164 14.29 27.66 -10.80
C GLY A 164 13.45 28.91 -10.57
N ASP A 165 13.44 29.79 -11.56
CA ASP A 165 12.70 31.08 -11.51
C ASP A 165 11.17 30.81 -11.50
N GLY A 166 10.52 31.16 -10.38
CA GLY A 166 9.09 30.98 -10.23
C GLY A 166 8.60 29.52 -10.28
N GLU A 167 9.44 28.58 -9.84
CA GLU A 167 9.07 27.14 -9.72
C GLU A 167 8.92 26.82 -8.24
N PHE A 168 7.81 26.18 -7.85
CA PHE A 168 7.53 25.87 -6.43
C PHE A 168 6.89 24.49 -6.25
N VAL A 169 7.76 23.52 -6.03
CA VAL A 169 7.47 22.12 -6.18
C VAL A 169 7.52 21.41 -4.82
N GLU A 170 6.56 20.52 -4.60
CA GLU A 170 6.54 19.74 -3.41
C GLU A 170 6.81 18.31 -3.83
N VAL A 171 7.55 17.58 -3.00
CA VAL A 171 7.92 16.20 -3.32
C VAL A 171 7.07 15.22 -2.57
N ILE A 172 6.54 14.22 -3.30
CA ILE A 172 5.74 13.18 -2.69
C ILE A 172 6.22 11.81 -3.16
N SER A 173 6.71 11.00 -2.22
CA SER A 173 7.17 9.63 -2.50
C SER A 173 6.20 8.59 -1.98
N LEU A 174 5.68 7.79 -2.89
CA LEU A 174 4.62 6.82 -2.63
C LEU A 174 5.14 5.45 -2.94
N PRO A 175 4.84 4.42 -2.10
CA PRO A 175 5.33 3.09 -2.45
C PRO A 175 4.76 2.58 -3.70
N LYS A 176 5.62 1.98 -4.51
CA LYS A 176 5.25 1.42 -5.80
C LYS A 176 4.20 0.32 -5.65
N ASN A 177 4.30 -0.42 -4.53
CA ASN A 177 3.42 -1.58 -4.28
C ASN A 177 2.02 -1.15 -3.92
N ASP A 178 1.80 0.14 -3.65
CA ASP A 178 0.44 0.58 -3.33
C ASP A 178 0.10 1.91 -4.00
N LEU A 179 0.71 2.18 -5.15
CA LEU A 179 0.65 3.52 -5.70
C LEU A 179 -0.80 4.04 -6.00
N LEU A 180 -1.57 3.21 -6.68
CA LEU A 180 -2.91 3.62 -7.06
C LEU A 180 -3.75 3.99 -5.88
N GLN A 181 -3.70 3.20 -4.79
CA GLN A 181 -4.54 3.52 -3.63
C GLN A 181 -4.03 4.72 -2.96
N ARG A 182 -2.72 4.90 -2.93
CA ARG A 182 -2.19 6.07 -2.28
C ARG A 182 -2.51 7.37 -3.02
N LEU A 183 -2.52 7.29 -4.35
CA LEU A 183 -2.95 8.42 -5.20
C LEU A 183 -4.47 8.69 -4.96
N ASP A 184 -5.24 7.63 -4.90
CA ASP A 184 -6.70 7.78 -4.55
C ASP A 184 -6.85 8.45 -3.19
N ALA A 185 -6.08 8.02 -2.20
CA ALA A 185 -6.11 8.70 -0.88
C ALA A 185 -5.85 10.19 -0.94
N LEU A 186 -4.79 10.57 -1.66
CA LEU A 186 -4.50 11.98 -1.90
C LEU A 186 -5.63 12.72 -2.56
N VAL A 187 -6.22 12.14 -3.58
CA VAL A 187 -7.31 12.80 -4.33
C VAL A 187 -8.52 12.93 -3.43
N ALA A 188 -8.77 11.91 -2.59
CA ALA A 188 -9.81 11.99 -1.56
C ALA A 188 -9.60 13.14 -0.57
N GLU A 189 -8.35 13.43 -0.19
CA GLU A 189 -8.01 14.36 0.91
C GLU A 189 -7.98 15.86 0.58
N GLU A 190 -7.62 16.21 -0.66
CA GLU A 190 -7.64 17.60 -1.12
C GLU A 190 -8.21 17.68 -2.54
N HIS A 191 -8.47 18.90 -2.97
CA HIS A 191 -8.72 19.18 -4.39
C HIS A 191 -7.38 19.18 -5.11
N LEU A 192 -7.18 18.18 -5.96
CA LEU A 192 -5.93 18.08 -6.65
C LEU A 192 -6.08 17.04 -7.73
N THR A 193 -5.34 17.22 -8.81
CA THR A 193 -5.47 16.37 -9.99
C THR A 193 -4.23 15.51 -10.20
N VAL A 194 -4.47 14.23 -10.44
CA VAL A 194 -3.37 13.34 -10.79
C VAL A 194 -3.16 13.39 -12.29
N ASP A 195 -1.90 13.39 -12.72
CA ASP A 195 -1.58 13.35 -14.13
C ASP A 195 -1.95 12.06 -14.72
N ALA A 196 -2.43 12.09 -15.96
CA ALA A 196 -2.78 10.86 -16.65
C ALA A 196 -1.69 9.82 -16.89
N ARG A 197 -0.44 10.26 -17.05
CA ARG A 197 0.64 9.31 -17.18
C ARG A 197 0.91 8.68 -15.79
N VAL A 198 0.82 9.44 -14.75
CA VAL A 198 1.03 8.89 -13.44
C VAL A 198 -0.07 7.90 -13.11
N TYR A 199 -1.31 8.18 -13.52
CA TYR A 199 -2.42 7.31 -13.20
C TYR A 199 -2.35 6.02 -14.01
N SER A 200 -1.95 6.14 -15.27
CA SER A 200 -1.82 4.99 -16.16
C SER A 200 -0.76 4.02 -15.66
N TYR A 201 0.33 4.58 -15.17
CA TYR A 201 1.40 3.79 -14.58
C TYR A 201 0.91 3.04 -13.30
N ALA A 202 0.34 3.76 -12.33
CA ALA A 202 -0.37 3.18 -11.15
C ALA A 202 -1.38 2.09 -11.41
N LEU A 203 -2.22 2.28 -12.43
CA LEU A 203 -3.14 1.26 -12.89
C LEU A 203 -2.44 0.00 -13.41
N ALA A 204 -1.44 0.16 -14.29
CA ALA A 204 -0.69 -1.05 -14.73
C ALA A 204 0.06 -1.75 -13.56
N LEU A 205 0.57 -1.03 -12.55
CA LEU A 205 1.16 -1.68 -11.43
C LEU A 205 0.10 -2.61 -10.76
N LYS A 206 -1.11 -2.10 -10.60
CA LYS A 206 -2.25 -2.91 -10.13
C LYS A 206 -2.55 -4.06 -11.06
N HIS A 207 -2.70 -3.80 -12.35
CA HIS A 207 -3.09 -4.82 -13.30
C HIS A 207 -2.05 -5.94 -13.50
N ALA A 208 -0.80 -5.71 -13.12
CA ALA A 208 0.20 -6.77 -13.26
C ALA A 208 0.00 -7.80 -12.14
N LYS B 15 -2.51 28.81 -1.43
CA LYS B 15 -1.37 29.78 -1.63
C LYS B 15 -1.25 30.32 -3.07
N GLN B 16 -1.36 29.46 -4.09
CA GLN B 16 -1.44 29.94 -5.50
C GLN B 16 -2.86 29.81 -6.04
N TYR B 17 -3.22 30.72 -6.92
CA TYR B 17 -4.58 30.79 -7.48
C TYR B 17 -4.61 31.66 -8.73
N ILE B 18 -5.70 31.50 -9.48
CA ILE B 18 -5.97 32.23 -10.67
C ILE B 18 -6.60 33.58 -10.31
N ILE B 19 -6.06 34.65 -10.88
CA ILE B 19 -6.62 35.98 -10.72
C ILE B 19 -7.51 36.33 -11.90
N SER B 20 -7.10 36.04 -13.15
CA SER B 20 -7.97 36.22 -14.30
C SER B 20 -7.47 35.54 -15.52
N GLU B 21 -8.34 35.48 -16.53
CA GLU B 21 -8.00 34.78 -17.75
C GLU B 21 -8.40 35.68 -18.89
N GLU B 22 -7.45 35.98 -19.74
CA GLU B 22 -7.67 36.83 -20.91
C GLU B 22 -7.71 35.94 -22.15
N LEU B 23 -8.81 35.96 -22.88
CA LEU B 23 -8.84 35.30 -24.18
C LEU B 23 -7.86 35.87 -25.16
N ILE B 24 -7.05 35.03 -25.78
CA ILE B 24 -6.11 35.47 -26.84
C ILE B 24 -6.75 35.11 -28.20
N SER B 25 -7.26 33.91 -28.33
CA SER B 25 -7.73 33.38 -29.62
C SER B 25 -8.63 32.19 -29.37
N GLU B 26 -9.74 32.12 -30.09
CA GLU B 26 -10.76 31.10 -29.95
C GLU B 26 -11.06 30.59 -31.32
N GLY B 27 -10.72 29.32 -31.58
CA GLY B 27 -11.19 28.64 -32.78
C GLY B 27 -12.53 27.98 -32.53
N LYS B 28 -12.90 27.09 -33.44
CA LYS B 28 -14.03 26.23 -33.27
C LYS B 28 -13.86 25.22 -32.09
N TRP B 29 -12.65 24.69 -31.95
CA TRP B 29 -12.35 23.58 -31.06
C TRP B 29 -11.39 23.89 -29.90
N VAL B 30 -10.54 24.90 -30.08
CA VAL B 30 -9.45 25.18 -29.17
C VAL B 30 -9.29 26.65 -29.06
N LYS B 31 -8.95 27.10 -27.86
CA LYS B 31 -8.68 28.47 -27.58
C LYS B 31 -7.43 28.61 -26.71
N LEU B 32 -6.77 29.75 -26.92
CA LEU B 32 -5.59 30.12 -26.23
C LEU B 32 -5.93 31.26 -25.33
N GLU B 33 -5.45 31.19 -24.08
CA GLU B 33 -5.75 32.18 -23.08
C GLU B 33 -4.48 32.63 -22.37
N LYS B 34 -4.50 33.81 -21.79
CA LYS B 34 -3.42 34.26 -20.95
C LYS B 34 -3.95 34.30 -19.53
N THR B 35 -3.33 33.50 -18.69
CA THR B 35 -3.74 33.31 -17.34
C THR B 35 -2.92 34.13 -16.40
N THR B 36 -3.57 34.99 -15.63
CA THR B 36 -2.83 35.67 -14.57
C THR B 36 -2.98 34.89 -13.28
N TYR B 37 -1.88 34.66 -12.57
CA TYR B 37 -1.98 33.92 -11.30
C TYR B 37 -1.04 34.47 -10.25
N MET B 38 -1.36 34.16 -9.01
CA MET B 38 -0.60 34.65 -7.87
C MET B 38 0.38 33.55 -7.55
N ASP B 39 1.66 33.87 -7.62
CA ASP B 39 2.68 32.88 -7.29
C ASP B 39 2.79 32.83 -5.77
N PRO B 40 3.51 31.86 -5.24
CA PRO B 40 3.52 31.73 -3.77
C PRO B 40 4.32 32.83 -3.03
N THR B 41 5.36 33.39 -3.65
CA THR B 41 6.03 34.61 -3.12
C THR B 41 5.13 35.87 -3.03
N GLY B 42 3.89 35.83 -3.53
CA GLY B 42 2.97 36.99 -3.48
C GLY B 42 3.08 37.89 -4.70
N LYS B 43 3.83 37.42 -5.70
CA LYS B 43 4.07 38.09 -6.98
C LYS B 43 3.10 37.59 -8.08
N THR B 44 2.57 38.52 -8.85
CA THR B 44 1.65 38.19 -9.93
C THR B 44 2.44 37.75 -11.17
N ARG B 45 1.96 36.68 -11.82
CA ARG B 45 2.66 36.07 -13.00
C ARG B 45 1.64 35.71 -14.06
N THR B 46 2.08 35.46 -15.30
CA THR B 46 1.20 35.04 -16.37
C THR B 46 1.58 33.71 -16.99
N TRP B 47 0.62 33.06 -17.64
CA TRP B 47 0.81 31.75 -18.28
C TRP B 47 -0.01 31.71 -19.53
N GLU B 48 0.53 31.04 -20.52
CA GLU B 48 -0.25 30.78 -21.73
C GLU B 48 -0.89 29.40 -21.62
N SER B 49 -2.23 29.37 -21.62
CA SER B 49 -3.05 28.23 -21.32
C SER B 49 -3.92 27.90 -22.53
N VAL B 50 -3.93 26.62 -22.88
CA VAL B 50 -4.83 26.09 -23.92
C VAL B 50 -6.04 25.44 -23.27
N LYS B 51 -7.22 25.62 -23.86
CA LYS B 51 -8.45 24.98 -23.41
C LYS B 51 -9.21 24.54 -24.61
N ARG B 52 -10.00 23.48 -24.45
CA ARG B 52 -10.94 23.13 -25.51
C ARG B 52 -12.16 24.02 -25.31
N THR B 53 -12.92 24.20 -26.40
CA THR B 53 -14.18 24.97 -26.39
C THR B 53 -15.38 24.02 -26.21
N THR B 54 -15.12 22.72 -26.17
CA THR B 54 -16.19 21.72 -26.10
C THR B 54 -16.59 21.29 -24.68
N ARG B 55 -15.89 21.66 -23.62
CA ARG B 55 -16.22 21.08 -22.30
C ARG B 55 -17.55 21.68 -21.76
N LYS B 56 -18.38 20.87 -21.06
CA LYS B 56 -19.74 21.28 -20.60
C LYS B 56 -19.67 22.16 -19.37
N GLN B 58 -19.35 18.55 -18.09
CA GLN B 58 -18.78 17.23 -17.85
C GLN B 58 -17.76 17.15 -16.74
N THR B 59 -17.51 15.90 -16.37
CA THR B 59 -16.46 15.49 -15.40
C THR B 59 -15.07 15.79 -15.89
N ALA B 60 -14.94 15.82 -17.22
CA ALA B 60 -13.68 15.85 -17.94
C ALA B 60 -14.00 16.08 -19.40
N ASP B 61 -12.99 16.38 -20.19
CA ASP B 61 -13.18 16.51 -21.64
C ASP B 61 -13.50 15.22 -22.34
N GLY B 62 -12.77 14.17 -21.98
CA GLY B 62 -12.82 12.93 -22.71
C GLY B 62 -12.64 11.71 -21.82
N VAL B 63 -12.68 10.57 -22.49
CA VAL B 63 -12.31 9.33 -21.89
C VAL B 63 -11.21 8.67 -22.72
N ALA B 64 -10.41 7.88 -22.03
CA ALA B 64 -9.53 6.92 -22.70
C ALA B 64 -9.80 5.56 -22.11
N VAL B 65 -9.84 4.54 -22.96
CA VAL B 65 -10.20 3.21 -22.53
C VAL B 65 -9.00 2.29 -22.58
N ILE B 66 -8.75 1.58 -21.48
CA ILE B 66 -7.80 0.51 -21.43
C ILE B 66 -8.57 -0.81 -21.69
N PRO B 67 -8.55 -1.34 -22.95
CA PRO B 67 -9.42 -2.45 -23.23
C PRO B 67 -8.59 -3.74 -23.17
N VAL B 68 -8.85 -4.55 -22.17
CA VAL B 68 -8.20 -5.82 -21.95
C VAL B 68 -8.95 -6.95 -22.67
N LEU B 69 -8.44 -7.36 -23.81
CA LEU B 69 -9.08 -8.41 -24.59
C LEU B 69 -8.73 -9.76 -24.00
N GLN B 70 -9.72 -10.36 -23.34
CA GLN B 70 -9.55 -11.73 -22.75
C GLN B 70 -10.12 -12.87 -23.61
N ARG B 71 -9.24 -13.70 -24.19
CA ARG B 71 -9.64 -14.89 -24.95
C ARG B 71 -8.97 -16.13 -24.29
N THR B 72 -9.77 -17.15 -24.01
CA THR B 72 -9.22 -18.32 -23.39
C THR B 72 -8.15 -19.03 -24.25
N LEU B 73 -7.13 -19.52 -23.57
CA LEU B 73 -5.95 -20.14 -24.18
C LEU B 73 -5.15 -19.20 -25.11
N HIS B 74 -5.28 -17.91 -24.85
CA HIS B 74 -4.50 -16.91 -25.60
C HIS B 74 -3.93 -15.97 -24.60
N TYR B 75 -2.85 -15.28 -24.95
CA TYR B 75 -2.42 -14.18 -24.07
C TYR B 75 -3.48 -13.11 -23.99
N GLU B 76 -3.62 -12.52 -22.80
CA GLU B 76 -4.38 -11.23 -22.66
C GLU B 76 -3.79 -10.15 -23.53
N CYS B 77 -4.62 -9.43 -24.29
CA CYS B 77 -4.12 -8.34 -25.17
C CYS B 77 -4.67 -7.01 -24.69
N ILE B 78 -3.92 -5.94 -24.95
CA ILE B 78 -4.40 -4.62 -24.71
C ILE B 78 -4.71 -4.19 -26.11
N VAL B 79 -5.90 -3.65 -26.27
CA VAL B 79 -6.40 -3.23 -27.60
C VAL B 79 -6.16 -1.73 -27.81
N LEU B 80 -5.44 -1.40 -28.87
CA LEU B 80 -5.00 -0.07 -29.18
C LEU B 80 -5.40 0.34 -30.56
N VAL B 81 -5.41 1.64 -30.78
CA VAL B 81 -5.78 2.16 -32.07
C VAL B 81 -4.70 2.98 -32.70
N LYS B 82 -4.66 3.01 -34.02
CA LYS B 82 -3.68 3.77 -34.78
C LYS B 82 -4.47 4.67 -35.72
N GLN B 83 -4.16 5.96 -35.69
CA GLN B 83 -4.84 6.95 -36.52
C GLN B 83 -3.85 8.02 -36.91
N PHE B 84 -4.18 8.73 -37.97
CA PHE B 84 -3.47 9.92 -38.32
C PHE B 84 -3.94 11.02 -37.37
N ARG B 85 -2.98 11.71 -36.82
CA ARG B 85 -3.21 12.84 -35.93
C ARG B 85 -2.69 14.12 -36.53
N PRO B 86 -3.59 15.00 -36.98
CA PRO B 86 -3.12 16.22 -37.67
C PRO B 86 -2.15 17.08 -36.87
N PRO B 87 -2.36 17.28 -35.56
CA PRO B 87 -1.37 18.01 -34.80
C PRO B 87 0.01 17.38 -34.81
N MET B 88 0.09 16.05 -34.80
CA MET B 88 1.38 15.38 -34.85
C MET B 88 1.94 15.30 -36.24
N GLY B 89 1.07 15.38 -37.26
CA GLY B 89 1.50 15.23 -38.63
C GLY B 89 1.92 13.83 -38.97
N GLY B 90 1.43 12.86 -38.20
CA GLY B 90 1.89 11.47 -38.35
C GLY B 90 0.85 10.56 -37.75
N TYR B 91 1.13 9.27 -37.79
CA TYR B 91 0.26 8.26 -37.22
C TYR B 91 0.69 7.98 -35.79
N CYS B 92 -0.25 7.73 -34.89
CA CYS B 92 -0.01 7.54 -33.45
C CYS B 92 -0.76 6.30 -33.03
N ILE B 93 -0.22 5.63 -32.04
CA ILE B 93 -0.81 4.46 -31.42
C ILE B 93 -1.29 4.90 -30.05
N GLU B 94 -2.56 4.67 -29.78
CA GLU B 94 -3.22 5.21 -28.58
C GLU B 94 -4.23 4.23 -28.01
N PHE B 95 -4.62 4.47 -26.75
CA PHE B 95 -5.83 3.80 -26.23
C PHE B 95 -7.02 4.37 -27.00
N PRO B 96 -8.04 3.56 -27.24
CA PRO B 96 -9.30 4.13 -27.77
C PRO B 96 -9.79 5.25 -26.87
N ALA B 97 -10.32 6.30 -27.48
CA ALA B 97 -10.64 7.50 -26.78
C ALA B 97 -11.51 8.44 -27.59
N GLY B 98 -12.23 9.24 -26.84
CA GLY B 98 -12.93 10.35 -27.38
C GLY B 98 -13.51 11.29 -26.32
N LEU B 99 -14.14 12.32 -26.85
CA LEU B 99 -14.85 13.30 -26.05
C LEU B 99 -16.13 12.68 -25.50
N ILE B 100 -16.46 13.06 -24.30
CA ILE B 100 -17.67 12.61 -23.61
C ILE B 100 -18.84 13.52 -24.10
N ASP B 101 -19.88 12.95 -24.73
CA ASP B 101 -21.09 13.75 -25.13
C ASP B 101 -21.75 14.42 -23.91
N ASP B 102 -22.34 15.62 -24.08
CA ASP B 102 -23.02 16.31 -22.94
C ASP B 102 -24.14 15.40 -22.43
N GLY B 103 -24.17 15.11 -21.14
CA GLY B 103 -25.12 14.13 -20.60
C GLY B 103 -24.67 12.67 -20.55
N GLU B 104 -23.58 12.34 -21.23
CA GLU B 104 -23.00 10.99 -21.16
C GLU B 104 -22.17 10.80 -19.87
N THR B 105 -22.29 9.65 -19.24
CA THR B 105 -21.42 9.33 -18.13
C THR B 105 -20.03 8.91 -18.73
N PRO B 106 -18.94 9.09 -17.97
CA PRO B 106 -17.62 8.53 -18.45
C PRO B 106 -17.67 7.05 -18.81
N GLU B 107 -18.29 6.23 -17.96
CA GLU B 107 -18.46 4.78 -18.24
C GLU B 107 -19.13 4.51 -19.57
N ALA B 108 -20.10 5.36 -19.94
CA ALA B 108 -20.91 5.11 -21.14
C ALA B 108 -20.17 5.59 -22.32
N ALA B 109 -19.42 6.69 -22.13
CA ALA B 109 -18.61 7.20 -23.22
C ALA B 109 -17.53 6.19 -23.54
N ALA B 110 -17.06 5.49 -22.51
CA ALA B 110 -16.00 4.48 -22.70
C ALA B 110 -16.43 3.32 -23.54
N LEU B 111 -17.57 2.73 -23.16
CA LEU B 111 -18.18 1.63 -23.94
C LEU B 111 -18.57 2.02 -25.32
N ARG B 112 -19.09 3.23 -25.50
CA ARG B 112 -19.44 3.75 -26.81
C ARG B 112 -18.21 3.93 -27.69
N GLU B 113 -17.19 4.63 -27.15
CA GLU B 113 -16.01 4.92 -27.96
C GLU B 113 -15.29 3.63 -28.26
N LEU B 114 -15.17 2.75 -27.26
CA LEU B 114 -14.56 1.44 -27.50
C LEU B 114 -15.26 0.72 -28.67
N GLU B 115 -16.57 0.71 -28.67
CA GLU B 115 -17.33 0.11 -29.77
C GLU B 115 -17.12 0.79 -31.10
N GLU B 116 -17.23 2.11 -31.18
CA GLU B 116 -17.04 2.82 -32.43
C GLU B 116 -15.64 2.66 -33.05
N GLU B 117 -14.64 2.72 -32.19
CA GLU B 117 -13.27 2.71 -32.64
C GLU B 117 -12.78 1.30 -32.94
N THR B 118 -13.25 0.30 -32.21
CA THR B 118 -12.70 -1.07 -32.35
C THR B 118 -13.69 -2.12 -32.77
N GLY B 119 -14.98 -1.89 -32.49
CA GLY B 119 -16.01 -2.91 -32.67
C GLY B 119 -16.28 -3.76 -31.45
N TYR B 120 -15.39 -3.73 -30.45
CA TYR B 120 -15.59 -4.56 -29.27
C TYR B 120 -16.60 -4.01 -28.26
N LYS B 121 -17.32 -4.96 -27.67
CA LYS B 121 -18.34 -4.72 -26.67
C LYS B 121 -17.78 -5.23 -25.36
N GLY B 122 -17.66 -4.33 -24.40
CA GLY B 122 -16.95 -4.63 -23.17
C GLY B 122 -17.70 -4.35 -21.91
N ASP B 123 -17.04 -4.66 -20.81
CA ASP B 123 -17.61 -4.46 -19.51
C ASP B 123 -16.71 -3.55 -18.71
N ILE B 124 -17.29 -2.65 -17.91
CA ILE B 124 -16.54 -1.76 -17.06
C ILE B 124 -15.90 -2.51 -15.92
N ALA B 125 -14.60 -2.28 -15.69
CA ALA B 125 -13.93 -2.79 -14.51
C ALA B 125 -13.63 -1.72 -13.46
N GLU B 126 -13.20 -0.55 -13.90
CA GLU B 126 -12.96 0.58 -13.01
C GLU B 126 -12.89 1.84 -13.90
N CYS B 127 -12.88 3.00 -13.24
CA CYS B 127 -12.92 4.29 -13.87
C CYS B 127 -12.13 5.22 -12.95
N SER B 128 -11.18 5.97 -13.51
CA SER B 128 -10.39 6.97 -12.72
C SER B 128 -11.19 8.20 -12.43
N PRO B 129 -10.79 8.94 -11.41
CA PRO B 129 -11.18 10.34 -11.44
C PRO B 129 -10.61 11.10 -12.65
N ALA B 130 -11.02 12.32 -12.80
CA ALA B 130 -10.53 13.16 -13.91
C ALA B 130 -9.00 13.33 -13.71
N VAL B 131 -8.24 13.03 -14.74
CA VAL B 131 -6.78 13.16 -14.68
C VAL B 131 -6.34 14.07 -15.85
N CYS B 132 -5.27 14.82 -15.65
CA CYS B 132 -4.82 15.80 -16.61
C CYS B 132 -3.89 15.33 -17.73
N MET B 133 -4.07 15.90 -18.91
CA MET B 133 -3.37 15.41 -20.04
C MET B 133 -1.98 16.01 -20.18
N ASP B 134 -1.88 17.33 -20.00
CA ASP B 134 -0.63 18.04 -20.13
C ASP B 134 -0.81 19.34 -19.38
N PRO B 135 -0.62 19.31 -18.06
CA PRO B 135 -1.14 20.41 -17.22
C PRO B 135 -0.31 21.67 -17.22
N GLY B 136 0.94 21.59 -17.67
CA GLY B 136 1.73 22.77 -17.97
C GLY B 136 1.28 23.53 -19.22
N LEU B 137 0.49 22.89 -20.05
CA LEU B 137 0.02 23.46 -21.30
C LEU B 137 -1.50 23.71 -21.36
N SER B 138 -2.31 22.76 -20.89
CA SER B 138 -3.76 22.80 -21.14
C SER B 138 -4.50 22.44 -19.91
N ASN B 139 -5.79 22.70 -19.90
CA ASN B 139 -6.62 22.18 -18.83
C ASN B 139 -7.26 20.85 -19.22
N CYS B 140 -6.81 20.18 -20.32
CA CYS B 140 -7.51 19.00 -20.77
C CYS B 140 -7.44 17.87 -19.79
N THR B 141 -8.59 17.23 -19.57
CA THR B 141 -8.67 16.09 -18.62
C THR B 141 -9.49 14.96 -19.24
N ILE B 142 -9.24 13.75 -18.74
CA ILE B 142 -9.98 12.55 -19.16
C ILE B 142 -10.24 11.67 -17.94
N HIS B 143 -11.16 10.74 -18.07
CA HIS B 143 -11.32 9.59 -17.17
C HIS B 143 -10.67 8.44 -17.90
N ILE B 144 -9.81 7.74 -17.18
CA ILE B 144 -9.26 6.52 -17.73
C ILE B 144 -10.18 5.34 -17.30
N VAL B 145 -10.70 4.64 -18.27
CA VAL B 145 -11.68 3.60 -18.05
C VAL B 145 -11.13 2.23 -18.45
N THR B 146 -10.89 1.41 -17.44
CA THR B 146 -10.49 0.01 -17.64
C THR B 146 -11.73 -0.82 -17.93
N VAL B 147 -11.63 -1.60 -18.98
CA VAL B 147 -12.72 -2.32 -19.55
C VAL B 147 -12.19 -3.70 -19.93
N THR B 148 -12.98 -4.75 -19.71
CA THR B 148 -12.55 -6.11 -20.13
C THR B 148 -13.45 -6.48 -21.27
N ILE B 149 -12.92 -7.21 -22.23
CA ILE B 149 -13.64 -7.62 -23.43
C ILE B 149 -13.55 -9.14 -23.41
N ASN B 150 -14.70 -9.78 -23.46
CA ASN B 150 -14.78 -11.24 -23.41
C ASN B 150 -14.73 -11.59 -24.83
N GLY B 151 -13.54 -11.95 -25.24
CA GLY B 151 -13.27 -12.18 -26.68
C GLY B 151 -13.90 -13.50 -27.18
N ASP B 152 -14.39 -14.33 -26.27
CA ASP B 152 -15.01 -15.62 -26.65
C ASP B 152 -16.58 -15.49 -26.73
N ASP B 153 -17.12 -14.29 -26.61
CA ASP B 153 -18.55 -14.11 -26.77
C ASP B 153 -18.76 -13.84 -28.22
N ALA B 154 -19.94 -14.23 -28.71
CA ALA B 154 -20.27 -14.08 -30.15
C ALA B 154 -20.25 -12.62 -30.70
N GLU B 155 -20.63 -11.63 -29.89
CA GLU B 155 -20.64 -10.21 -30.33
C GLU B 155 -19.25 -9.61 -30.59
N ASN B 156 -18.23 -10.29 -30.06
CA ASN B 156 -16.85 -9.88 -30.18
C ASN B 156 -16.12 -10.83 -31.10
N ALA B 157 -16.86 -11.63 -31.87
CA ALA B 157 -16.24 -12.57 -32.80
C ALA B 157 -15.71 -11.80 -33.98
N ARG B 158 -16.61 -11.13 -34.70
CA ARG B 158 -16.26 -10.33 -35.87
C ARG B 158 -16.54 -8.86 -35.51
N PRO B 159 -15.73 -8.28 -34.57
CA PRO B 159 -16.08 -6.95 -34.05
C PRO B 159 -16.27 -5.93 -35.19
N LYS B 160 -17.44 -5.31 -35.25
CA LYS B 160 -17.80 -4.38 -36.31
C LYS B 160 -17.60 -2.93 -35.81
N PRO B 161 -16.48 -2.25 -36.20
CA PRO B 161 -16.34 -0.82 -35.83
C PRO B 161 -17.37 0.09 -36.49
N LYS B 162 -17.94 1.04 -35.73
CA LYS B 162 -18.83 2.08 -36.28
C LYS B 162 -18.13 3.46 -36.21
N PRO B 163 -17.17 3.72 -37.14
CA PRO B 163 -16.37 4.94 -37.10
C PRO B 163 -17.10 6.12 -37.75
N GLY B 164 -17.12 7.26 -37.06
CA GLY B 164 -17.80 8.45 -37.56
C GLY B 164 -17.21 9.08 -38.83
N ASP B 165 -17.88 10.13 -39.28
CA ASP B 165 -17.46 10.89 -40.46
C ASP B 165 -16.12 11.55 -40.14
N GLY B 166 -15.13 11.31 -41.00
CA GLY B 166 -13.78 11.84 -40.81
C GLY B 166 -12.86 11.08 -39.84
N GLU B 167 -13.29 9.92 -39.34
CA GLU B 167 -12.46 9.05 -38.48
C GLU B 167 -12.04 7.81 -39.31
N PHE B 168 -10.79 7.39 -39.11
CA PHE B 168 -10.14 6.32 -39.88
C PHE B 168 -9.15 5.60 -38.95
N VAL B 169 -9.66 4.60 -38.24
CA VAL B 169 -8.99 3.98 -37.09
C VAL B 169 -8.61 2.55 -37.46
N GLU B 170 -7.34 2.18 -37.29
CA GLU B 170 -6.90 0.78 -37.43
C GLU B 170 -6.69 0.25 -36.02
N VAL B 171 -7.07 -1.00 -35.82
CA VAL B 171 -7.06 -1.60 -34.49
C VAL B 171 -5.76 -2.43 -34.38
N ILE B 172 -5.11 -2.41 -33.22
CA ILE B 172 -3.86 -3.13 -33.02
C ILE B 172 -3.99 -3.73 -31.66
N SER B 173 -3.98 -5.06 -31.63
CA SER B 173 -4.06 -5.76 -30.37
C SER B 173 -2.73 -6.33 -30.00
N LEU B 174 -2.21 -5.96 -28.84
CA LEU B 174 -0.91 -6.43 -28.42
C LEU B 174 -0.94 -7.14 -27.10
N PRO B 175 -0.10 -8.21 -26.97
CA PRO B 175 -0.16 -8.94 -25.74
C PRO B 175 0.31 -8.10 -24.58
N LYS B 176 -0.45 -8.13 -23.51
CA LYS B 176 -0.17 -7.40 -22.30
C LYS B 176 1.21 -7.72 -21.64
N ASN B 177 1.58 -9.01 -21.59
CA ASN B 177 2.78 -9.42 -20.86
C ASN B 177 4.09 -9.13 -21.69
N ASP B 178 3.98 -8.69 -22.96
CA ASP B 178 5.11 -8.13 -23.71
C ASP B 178 4.90 -6.70 -24.27
N LEU B 179 3.96 -5.95 -23.67
CA LEU B 179 3.47 -4.77 -24.34
C LEU B 179 4.57 -3.75 -24.72
N LEU B 180 5.44 -3.42 -23.76
CA LEU B 180 6.50 -2.44 -23.95
C LEU B 180 7.46 -2.79 -25.06
N GLN B 181 7.94 -4.04 -25.05
CA GLN B 181 8.78 -4.52 -26.14
C GLN B 181 8.03 -4.47 -27.48
N ARG B 182 6.75 -4.76 -27.48
CA ARG B 182 6.00 -4.69 -28.72
C ARG B 182 5.80 -3.27 -29.27
N LEU B 183 5.69 -2.32 -28.36
CA LEU B 183 5.48 -0.96 -28.76
C LEU B 183 6.78 -0.40 -29.33
N ASP B 184 7.85 -0.56 -28.57
CA ASP B 184 9.23 -0.21 -28.99
C ASP B 184 9.49 -0.77 -30.39
N ALA B 185 9.09 -2.01 -30.64
CA ALA B 185 9.26 -2.61 -31.97
C ALA B 185 8.45 -1.89 -33.05
N LEU B 186 7.22 -1.47 -32.75
CA LEU B 186 6.41 -0.71 -33.70
C LEU B 186 6.96 0.66 -34.03
N VAL B 187 7.45 1.36 -33.01
CA VAL B 187 8.08 2.63 -33.23
C VAL B 187 9.32 2.55 -34.13
N ALA B 188 10.17 1.57 -33.86
CA ALA B 188 11.44 1.40 -34.59
C ALA B 188 11.16 1.05 -36.04
N GLU B 189 10.24 0.14 -36.26
CA GLU B 189 10.02 -0.34 -37.59
C GLU B 189 8.99 0.45 -38.38
N GLU B 190 7.93 0.94 -37.74
CA GLU B 190 6.82 1.61 -38.47
C GLU B 190 6.84 3.16 -38.43
N HIS B 191 7.75 3.74 -37.65
CA HIS B 191 7.83 5.19 -37.42
C HIS B 191 6.50 5.86 -36.95
N LEU B 192 5.76 5.14 -36.10
CA LEU B 192 4.55 5.66 -35.45
C LEU B 192 5.01 6.34 -34.18
N THR B 193 4.14 7.15 -33.59
CA THR B 193 4.44 7.74 -32.28
C THR B 193 3.52 7.06 -31.26
N VAL B 194 4.07 6.61 -30.14
CA VAL B 194 3.26 5.89 -29.15
C VAL B 194 2.77 6.98 -28.19
N ASP B 195 1.53 6.91 -27.76
CA ASP B 195 0.96 7.86 -26.80
C ASP B 195 1.60 7.69 -25.43
N ALA B 196 1.75 8.76 -24.70
CA ALA B 196 2.51 8.72 -23.48
C ALA B 196 1.82 7.89 -22.36
N ARG B 197 0.48 7.94 -22.33
CA ARG B 197 -0.27 7.12 -21.42
C ARG B 197 -0.10 5.64 -21.73
N VAL B 198 -0.24 5.24 -22.99
CA VAL B 198 0.07 3.89 -23.40
C VAL B 198 1.45 3.45 -22.98
N TYR B 199 2.42 4.32 -23.19
CA TYR B 199 3.82 3.98 -22.85
C TYR B 199 4.04 3.88 -21.36
N SER B 200 3.39 4.74 -20.59
CA SER B 200 3.52 4.69 -19.20
C SER B 200 2.95 3.43 -18.60
N TYR B 201 1.83 2.96 -19.16
CA TYR B 201 1.14 1.75 -18.74
C TYR B 201 2.10 0.57 -19.07
N ALA B 202 2.60 0.52 -20.28
CA ALA B 202 3.53 -0.47 -20.68
C ALA B 202 4.79 -0.62 -19.82
N LEU B 203 5.34 0.53 -19.44
CA LEU B 203 6.49 0.62 -18.53
C LEU B 203 6.14 0.03 -17.20
N ALA B 204 5.00 0.44 -16.61
CA ALA B 204 4.62 -0.11 -15.29
C ALA B 204 4.40 -1.61 -15.33
N LEU B 205 3.91 -2.15 -16.41
CA LEU B 205 3.78 -3.59 -16.50
C LEU B 205 5.12 -4.27 -16.30
N LYS B 206 6.19 -3.69 -16.83
CA LYS B 206 7.54 -4.25 -16.69
C LYS B 206 8.07 -3.97 -15.30
N HIS B 207 7.80 -2.78 -14.82
CA HIS B 207 8.33 -2.35 -13.52
C HIS B 207 7.66 -3.04 -12.29
N ALA B 208 6.47 -3.60 -12.46
CA ALA B 208 5.75 -4.33 -11.37
C ALA B 208 6.57 -5.43 -10.68
N ASN B 209 6.33 -5.58 -9.38
CA ASN B 209 7.10 -6.41 -8.41
C ASN B 209 8.48 -5.81 -8.10
N GLN C 16 21.37 -7.54 8.78
CA GLN C 16 21.35 -8.97 9.17
C GLN C 16 20.46 -9.79 8.27
N TYR C 17 20.82 -11.04 7.98
CA TYR C 17 19.98 -11.85 7.09
C TYR C 17 20.09 -13.31 7.43
N ILE C 18 19.17 -14.08 6.85
CA ILE C 18 19.08 -15.51 7.01
C ILE C 18 20.06 -16.16 6.01
N ILE C 19 20.90 -17.08 6.54
CA ILE C 19 21.87 -17.87 5.73
C ILE C 19 21.30 -19.25 5.32
N SER C 20 20.76 -19.98 6.28
CA SER C 20 20.12 -21.26 5.99
C SER C 20 19.11 -21.57 7.10
N GLU C 21 18.11 -22.35 6.71
CA GLU C 21 17.09 -22.90 7.60
C GLU C 21 17.18 -24.43 7.41
N GLU C 22 17.55 -25.15 8.48
CA GLU C 22 17.84 -26.59 8.46
C GLU C 22 16.80 -27.28 9.33
N LEU C 23 16.18 -28.35 8.83
CA LEU C 23 15.03 -28.93 9.50
C LEU C 23 15.51 -29.85 10.63
N ILE C 24 15.01 -29.61 11.85
CA ILE C 24 15.35 -30.42 13.07
C ILE C 24 14.31 -31.51 13.32
N SER C 25 13.02 -31.24 13.06
CA SER C 25 11.91 -32.22 13.25
C SER C 25 10.57 -31.66 12.76
N GLU C 26 9.95 -32.31 11.79
CA GLU C 26 8.68 -31.88 11.22
C GLU C 26 7.56 -32.80 11.66
N GLY C 27 6.63 -32.25 12.43
CA GLY C 27 5.35 -32.88 12.66
C GLY C 27 4.35 -32.69 11.52
N LYS C 28 3.09 -33.03 11.80
CA LYS C 28 1.93 -32.76 10.92
C LYS C 28 1.39 -31.32 11.00
N TRP C 29 1.67 -30.61 12.09
CA TRP C 29 1.22 -29.23 12.22
C TRP C 29 2.31 -28.17 12.46
N VAL C 30 3.41 -28.59 13.08
CA VAL C 30 4.50 -27.68 13.48
C VAL C 30 5.86 -28.34 13.19
N LYS C 31 6.84 -27.50 12.90
CA LYS C 31 8.18 -27.96 12.60
C LYS C 31 9.15 -27.13 13.43
N LEU C 32 10.27 -27.73 13.70
CA LEU C 32 11.32 -27.06 14.41
C LEU C 32 12.47 -26.93 13.42
N GLU C 33 13.15 -25.78 13.41
CA GLU C 33 14.31 -25.58 12.55
C GLU C 33 15.51 -24.97 13.23
N LYS C 34 16.70 -25.27 12.68
CA LYS C 34 17.97 -24.65 13.09
C LYS C 34 18.16 -23.54 12.06
N THR C 35 18.17 -22.29 12.54
CA THR C 35 18.30 -21.11 11.67
C THR C 35 19.71 -20.57 11.78
N THR C 36 20.37 -20.35 10.64
CA THR C 36 21.74 -19.79 10.64
C THR C 36 21.63 -18.38 10.08
N TYR C 37 22.20 -17.39 10.78
CA TYR C 37 21.99 -15.99 10.35
C TYR C 37 23.25 -15.14 10.55
N MET C 38 23.41 -14.08 9.74
CA MET C 38 24.51 -13.08 9.94
C MET C 38 24.13 -11.93 10.89
N ASP C 39 24.91 -11.72 11.93
CA ASP C 39 24.56 -10.70 12.93
C ASP C 39 24.99 -9.35 12.43
N PRO C 40 24.75 -8.26 13.22
CA PRO C 40 25.12 -6.95 12.68
C PRO C 40 26.70 -6.72 12.53
N THR C 41 27.49 -7.25 13.46
CA THR C 41 28.97 -7.09 13.43
C THR C 41 29.69 -7.95 12.40
N GLY C 42 28.99 -8.93 11.80
CA GLY C 42 29.54 -9.83 10.78
C GLY C 42 29.80 -11.27 11.26
N LYS C 43 29.62 -11.55 12.57
CA LYS C 43 29.65 -12.92 13.12
C LYS C 43 28.41 -13.74 12.70
N THR C 44 28.69 -14.91 12.14
CA THR C 44 27.69 -15.96 11.85
C THR C 44 27.18 -16.52 13.19
N ARG C 45 25.84 -16.55 13.36
CA ARG C 45 25.19 -17.03 14.61
C ARG C 45 24.06 -18.00 14.29
N THR C 46 23.53 -18.66 15.32
CA THR C 46 22.47 -19.65 15.18
C THR C 46 21.25 -19.41 16.11
N TRP C 47 20.13 -20.04 15.76
CA TRP C 47 18.86 -19.91 16.50
C TRP C 47 17.96 -21.09 16.23
N GLU C 48 17.09 -21.40 17.19
CA GLU C 48 16.09 -22.46 17.04
C GLU C 48 14.71 -21.87 16.76
N SER C 49 14.15 -22.19 15.59
CA SER C 49 12.91 -21.58 15.13
C SER C 49 11.81 -22.57 14.96
N VAL C 50 10.61 -22.13 15.32
CA VAL C 50 9.39 -22.87 15.14
C VAL C 50 8.53 -22.26 14.04
N LYS C 51 8.04 -23.12 13.14
CA LYS C 51 7.10 -22.72 12.09
C LYS C 51 5.97 -23.74 11.98
N ARG C 52 4.78 -23.27 11.61
CA ARG C 52 3.65 -24.16 11.32
C ARG C 52 3.89 -24.63 9.89
N THR C 53 3.27 -25.75 9.53
CA THR C 53 3.45 -26.39 8.24
C THR C 53 2.26 -26.14 7.33
N THR C 54 1.24 -25.48 7.87
CA THR C 54 -0.06 -25.25 7.26
C THR C 54 -0.19 -23.94 6.44
N ARG C 55 0.90 -23.17 6.26
CA ARG C 55 0.86 -21.82 5.63
C ARG C 55 1.23 -21.88 4.14
N LYS C 56 0.24 -21.69 3.27
CA LYS C 56 0.45 -21.69 1.80
C LYS C 56 0.70 -20.26 1.32
N GLN C 58 -0.90 -17.65 1.66
CA GLN C 58 -1.73 -16.94 2.61
C GLN C 58 -0.96 -15.74 3.16
N THR C 59 -1.69 -14.67 3.53
CA THR C 59 -1.10 -13.40 4.02
C THR C 59 -0.46 -13.56 5.41
N ALA C 60 -1.00 -14.54 6.15
CA ALA C 60 -0.58 -14.89 7.49
C ALA C 60 -1.09 -16.29 7.79
N ASP C 61 -0.64 -16.87 8.91
CA ASP C 61 -1.23 -18.13 9.37
C ASP C 61 -2.68 -18.02 9.67
N GLY C 62 -3.10 -16.95 10.36
CA GLY C 62 -4.45 -16.97 10.90
C GLY C 62 -4.95 -15.59 11.17
N VAL C 63 -6.10 -15.52 11.75
CA VAL C 63 -6.74 -14.24 12.07
C VAL C 63 -7.12 -14.33 13.52
N ALA C 64 -7.13 -13.19 14.20
CA ALA C 64 -7.81 -13.07 15.45
C ALA C 64 -8.77 -11.95 15.26
N VAL C 65 -9.95 -12.09 15.84
CA VAL C 65 -11.03 -11.22 15.68
C VAL C 65 -11.29 -10.47 16.98
N ILE C 66 -11.32 -9.15 16.89
CA ILE C 66 -11.76 -8.35 17.97
C ILE C 66 -13.28 -8.02 17.72
N PRO C 67 -14.21 -8.69 18.46
CA PRO C 67 -15.63 -8.58 18.10
C PRO C 67 -16.29 -7.68 19.08
N VAL C 68 -16.71 -6.53 18.58
CA VAL C 68 -17.27 -5.50 19.40
C VAL C 68 -18.79 -5.59 19.27
N LEU C 69 -19.41 -5.89 20.40
CA LEU C 69 -20.88 -6.10 20.51
C LEU C 69 -21.50 -4.82 20.80
N GLN C 70 -22.23 -4.31 19.81
CA GLN C 70 -22.80 -2.97 19.82
C GLN C 70 -24.35 -3.02 19.99
N ARG C 71 -24.92 -2.26 20.93
CA ARG C 71 -26.35 -2.28 21.24
C ARG C 71 -26.79 -0.92 21.65
N THR C 72 -28.00 -0.55 21.27
CA THR C 72 -28.47 0.82 21.40
C THR C 72 -28.38 1.29 22.79
N LEU C 73 -28.82 0.44 23.70
CA LEU C 73 -29.01 0.85 25.07
C LEU C 73 -27.84 0.62 26.01
N HIS C 74 -26.79 -0.05 25.52
CA HIS C 74 -25.65 -0.40 26.37
C HIS C 74 -24.32 0.13 25.87
N TYR C 75 -23.37 0.18 26.80
CA TYR C 75 -21.97 0.23 26.50
C TYR C 75 -21.56 -1.03 25.68
N GLU C 76 -20.49 -0.91 24.88
CA GLU C 76 -20.02 -2.07 24.07
C GLU C 76 -19.46 -3.15 24.94
N CYS C 77 -19.58 -4.39 24.44
CA CYS C 77 -18.85 -5.54 24.93
C CYS C 77 -17.85 -6.10 23.92
N ILE C 78 -16.79 -6.70 24.47
CA ILE C 78 -15.86 -7.46 23.67
C ILE C 78 -16.19 -8.93 23.83
N VAL C 79 -16.30 -9.64 22.73
CA VAL C 79 -16.69 -11.06 22.74
C VAL C 79 -15.43 -11.88 22.67
N LEU C 80 -15.22 -12.70 23.71
CA LEU C 80 -14.09 -13.58 23.81
C LEU C 80 -14.56 -15.02 23.99
N VAL C 81 -13.61 -15.93 23.76
CA VAL C 81 -13.79 -17.35 23.88
C VAL C 81 -12.93 -17.98 24.97
N LYS C 82 -13.48 -18.94 25.68
CA LYS C 82 -12.73 -19.79 26.59
C LYS C 82 -12.69 -21.20 26.03
N GLN C 83 -11.47 -21.72 25.82
CA GLN C 83 -11.26 -23.10 25.42
C GLN C 83 -10.09 -23.78 26.12
N PHE C 84 -10.11 -25.11 26.14
CA PHE C 84 -8.99 -25.87 26.64
C PHE C 84 -7.90 -25.84 25.59
N ARG C 85 -6.65 -25.66 26.00
CA ARG C 85 -5.55 -25.52 25.06
C ARG C 85 -4.47 -26.49 25.41
N PRO C 86 -4.32 -27.56 24.62
CA PRO C 86 -3.38 -28.59 25.04
C PRO C 86 -1.96 -28.16 25.33
N PRO C 87 -1.39 -27.23 24.55
CA PRO C 87 -0.03 -26.88 24.88
C PRO C 87 0.06 -26.20 26.27
N MET C 88 -1.00 -25.51 26.68
CA MET C 88 -1.04 -24.85 27.97
C MET C 88 -1.44 -25.79 29.13
N GLY C 89 -2.04 -26.92 28.83
CA GLY C 89 -2.50 -27.86 29.87
C GLY C 89 -3.71 -27.30 30.60
N GLY C 90 -4.46 -26.40 29.97
CA GLY C 90 -5.45 -25.61 30.69
C GLY C 90 -6.31 -24.79 29.79
N TYR C 91 -7.21 -24.06 30.41
CA TYR C 91 -8.15 -23.20 29.75
C TYR C 91 -7.58 -21.80 29.54
N CYS C 92 -7.87 -21.24 28.37
CA CYS C 92 -7.42 -19.87 27.99
C CYS C 92 -8.55 -19.03 27.51
N ILE C 93 -8.51 -17.72 27.81
CA ILE C 93 -9.46 -16.76 27.33
C ILE C 93 -8.75 -15.99 26.20
N GLU C 94 -9.35 -16.04 25.02
CA GLU C 94 -8.74 -15.48 23.78
C GLU C 94 -9.75 -14.75 22.96
N PHE C 95 -9.26 -13.94 22.00
CA PHE C 95 -10.10 -13.53 20.89
C PHE C 95 -10.43 -14.76 20.04
N PRO C 96 -11.66 -14.78 19.50
CA PRO C 96 -11.94 -15.76 18.49
C PRO C 96 -10.91 -15.66 17.44
N ALA C 97 -10.55 -16.82 16.93
CA ALA C 97 -9.42 -16.94 16.10
C ALA C 97 -9.32 -18.28 15.41
N GLY C 98 -8.63 -18.30 14.28
CA GLY C 98 -8.27 -19.58 13.66
C GLY C 98 -7.41 -19.35 12.46
N LEU C 99 -7.02 -20.44 11.80
CA LEU C 99 -6.27 -20.40 10.55
C LEU C 99 -7.10 -19.92 9.33
N ILE C 100 -6.45 -19.15 8.46
CA ILE C 100 -7.06 -18.70 7.17
C ILE C 100 -7.05 -19.86 6.16
N ASP C 101 -8.24 -20.26 5.68
CA ASP C 101 -8.33 -21.36 4.69
C ASP C 101 -7.56 -20.93 3.44
N ASP C 102 -7.07 -21.91 2.67
CA ASP C 102 -6.44 -21.62 1.39
C ASP C 102 -7.51 -21.04 0.45
N GLY C 103 -7.15 -19.92 -0.21
CA GLY C 103 -8.08 -19.21 -1.07
C GLY C 103 -8.93 -18.18 -0.35
N GLU C 104 -8.81 -18.11 0.99
CA GLU C 104 -9.69 -17.29 1.86
C GLU C 104 -9.01 -15.97 2.19
N THR C 105 -9.79 -14.90 2.15
CA THR C 105 -9.35 -13.60 2.59
C THR C 105 -9.36 -13.53 4.15
N PRO C 106 -8.48 -12.68 4.75
CA PRO C 106 -8.48 -12.59 6.23
C PRO C 106 -9.83 -12.15 6.77
N GLU C 107 -10.47 -11.24 6.02
CA GLU C 107 -11.75 -10.71 6.41
C GLU C 107 -12.80 -11.83 6.51
N ALA C 108 -12.75 -12.78 5.59
CA ALA C 108 -13.80 -13.78 5.43
C ALA C 108 -13.55 -14.86 6.48
N ALA C 109 -12.28 -15.19 6.67
CA ALA C 109 -11.84 -16.00 7.82
C ALA C 109 -12.31 -15.46 9.16
N ALA C 110 -12.28 -14.14 9.33
CA ALA C 110 -12.64 -13.56 10.60
C ALA C 110 -14.13 -13.72 10.87
N LEU C 111 -14.94 -13.35 9.89
CA LEU C 111 -16.38 -13.47 10.00
C LEU C 111 -16.85 -14.94 10.13
N ARG C 112 -16.19 -15.83 9.43
CA ARG C 112 -16.43 -17.29 9.53
C ARG C 112 -16.09 -17.82 10.91
N GLU C 113 -14.82 -17.62 11.32
CA GLU C 113 -14.39 -18.00 12.65
C GLU C 113 -15.26 -17.36 13.67
N LEU C 114 -15.63 -16.09 13.48
CA LEU C 114 -16.43 -15.50 14.56
C LEU C 114 -17.80 -16.23 14.68
N GLU C 115 -18.44 -16.47 13.53
CA GLU C 115 -19.79 -17.07 13.55
C GLU C 115 -19.74 -18.49 14.13
N GLU C 116 -18.77 -19.29 13.64
CA GLU C 116 -18.45 -20.60 14.20
C GLU C 116 -18.25 -20.71 15.71
N GLU C 117 -17.48 -19.77 16.28
CA GLU C 117 -17.00 -19.92 17.62
C GLU C 117 -17.93 -19.31 18.60
N THR C 118 -18.72 -18.33 18.15
CA THR C 118 -19.60 -17.58 19.04
C THR C 118 -21.07 -17.50 18.57
N GLY C 119 -21.36 -17.89 17.32
CA GLY C 119 -22.67 -17.66 16.73
C GLY C 119 -23.06 -16.27 16.31
N TYR C 120 -22.21 -15.27 16.54
CA TYR C 120 -22.55 -13.89 16.19
C TYR C 120 -22.30 -13.63 14.72
N LYS C 121 -23.18 -12.85 14.13
CA LYS C 121 -23.00 -12.43 12.76
C LYS C 121 -22.53 -10.95 12.77
N GLY C 122 -21.34 -10.70 12.22
CA GLY C 122 -20.67 -9.38 12.31
C GLY C 122 -20.31 -8.77 10.96
N ASP C 123 -19.87 -7.51 11.02
CA ASP C 123 -19.43 -6.72 9.87
C ASP C 123 -17.93 -6.31 10.09
N ILE C 124 -17.10 -6.43 9.05
CA ILE C 124 -15.74 -6.00 9.11
C ILE C 124 -15.66 -4.51 9.40
N ALA C 125 -14.88 -4.15 10.44
CA ALA C 125 -14.54 -2.75 10.67
C ALA C 125 -13.13 -2.42 10.13
N GLU C 126 -12.13 -3.27 10.39
CA GLU C 126 -10.72 -2.92 10.08
C GLU C 126 -9.94 -4.21 10.08
N CYS C 127 -8.88 -4.26 9.31
CA CYS C 127 -7.99 -5.41 9.26
C CYS C 127 -6.56 -4.96 9.28
N SER C 128 -5.79 -5.40 10.26
CA SER C 128 -4.38 -5.12 10.34
C SER C 128 -3.54 -5.73 9.25
N PRO C 129 -2.31 -5.23 9.09
CA PRO C 129 -1.36 -6.07 8.39
C PRO C 129 -0.96 -7.30 9.21
N ALA C 130 -0.19 -8.18 8.58
CA ALA C 130 0.27 -9.41 9.23
C ALA C 130 1.16 -9.00 10.37
N VAL C 131 0.85 -9.53 11.57
CA VAL C 131 1.61 -9.15 12.80
C VAL C 131 2.08 -10.43 13.49
N CYS C 132 3.23 -10.36 14.13
CA CYS C 132 3.87 -11.53 14.63
C CYS C 132 3.38 -11.93 16.03
N MET C 133 3.31 -13.22 16.21
CA MET C 133 2.87 -13.79 17.50
C MET C 133 3.93 -13.85 18.55
N ASP C 134 5.12 -14.36 18.23
CA ASP C 134 6.14 -14.56 19.25
C ASP C 134 7.47 -14.67 18.52
N PRO C 135 7.99 -13.51 18.07
CA PRO C 135 9.00 -13.55 17.00
C PRO C 135 10.41 -14.02 17.43
N GLY C 136 10.68 -14.02 18.74
CA GLY C 136 11.82 -14.74 19.33
C GLY C 136 11.76 -16.25 19.16
N LEU C 137 10.57 -16.80 18.97
CA LEU C 137 10.34 -18.26 18.91
C LEU C 137 9.89 -18.76 17.57
N SER C 138 8.90 -18.11 16.98
CA SER C 138 8.31 -18.60 15.75
C SER C 138 8.15 -17.52 14.70
N ASN C 139 7.85 -17.97 13.49
CA ASN C 139 7.43 -17.05 12.39
C ASN C 139 5.90 -16.81 12.30
N CYS C 140 5.14 -17.35 13.24
CA CYS C 140 3.66 -17.26 13.23
C CYS C 140 3.12 -15.85 13.19
N THR C 141 2.23 -15.61 12.23
CA THR C 141 1.60 -14.31 12.05
C THR C 141 0.06 -14.42 11.97
N ILE C 142 -0.56 -13.34 12.39
CA ILE C 142 -2.01 -13.19 12.19
C ILE C 142 -2.36 -11.83 11.57
N HIS C 143 -3.59 -11.71 11.07
CA HIS C 143 -4.23 -10.43 10.97
C HIS C 143 -5.17 -10.35 12.14
N ILE C 144 -5.17 -9.18 12.76
CA ILE C 144 -6.12 -8.81 13.72
C ILE C 144 -7.23 -8.05 12.98
N VAL C 145 -8.42 -8.63 13.00
CA VAL C 145 -9.56 -8.04 12.33
C VAL C 145 -10.60 -7.59 13.33
N THR C 146 -10.87 -6.30 13.33
CA THR C 146 -11.87 -5.72 14.17
C THR C 146 -13.21 -5.92 13.46
N VAL C 147 -14.19 -6.49 14.20
CA VAL C 147 -15.50 -6.80 13.65
C VAL C 147 -16.52 -6.20 14.57
N THR C 148 -17.48 -5.52 14.01
CA THR C 148 -18.58 -4.97 14.84
C THR C 148 -19.80 -5.94 14.75
N ILE C 149 -20.44 -6.16 15.88
CA ILE C 149 -21.63 -7.01 15.94
C ILE C 149 -22.79 -6.17 16.38
N ASN C 150 -23.82 -6.10 15.52
CA ASN C 150 -25.09 -5.44 15.82
C ASN C 150 -25.94 -6.33 16.73
N GLY C 151 -25.88 -6.05 18.03
CA GLY C 151 -26.58 -6.89 19.07
C GLY C 151 -28.09 -6.60 19.27
N ASP C 152 -28.64 -5.70 18.48
CA ASP C 152 -30.06 -5.36 18.52
C ASP C 152 -30.74 -5.91 17.30
N ASP C 153 -30.02 -6.65 16.45
CA ASP C 153 -30.66 -7.38 15.35
C ASP C 153 -31.15 -8.72 15.98
N ALA C 154 -32.38 -9.16 15.61
CA ALA C 154 -32.88 -10.47 16.06
C ALA C 154 -31.89 -11.63 15.75
N GLU C 155 -31.22 -11.59 14.59
CA GLU C 155 -30.25 -12.66 14.24
C GLU C 155 -29.13 -12.83 15.28
N ASN C 156 -28.77 -11.76 15.97
CA ASN C 156 -27.80 -11.88 17.05
C ASN C 156 -28.42 -12.03 18.45
N ALA C 157 -29.75 -12.16 18.55
CA ALA C 157 -30.46 -12.39 19.84
C ALA C 157 -30.16 -13.79 20.43
N ARG C 158 -30.24 -14.79 19.60
CA ARG C 158 -29.90 -16.15 20.02
C ARG C 158 -28.70 -16.56 19.19
N PRO C 159 -27.49 -16.11 19.58
CA PRO C 159 -26.29 -16.63 18.91
C PRO C 159 -26.02 -18.08 19.31
N LYS C 160 -25.74 -18.96 18.33
CA LYS C 160 -25.31 -20.35 18.61
C LYS C 160 -24.02 -20.73 17.87
N PRO C 161 -22.93 -20.94 18.61
CA PRO C 161 -21.67 -21.36 17.99
C PRO C 161 -21.84 -22.58 17.10
N LYS C 162 -21.89 -22.44 15.78
CA LYS C 162 -21.86 -23.64 14.91
C LYS C 162 -20.42 -24.28 14.88
N PRO C 163 -20.00 -24.98 15.96
CA PRO C 163 -18.57 -25.19 16.17
C PRO C 163 -18.01 -26.40 15.42
N GLY C 164 -16.69 -26.40 15.19
CA GLY C 164 -16.04 -27.51 14.50
C GLY C 164 -16.08 -28.83 15.28
N ASP C 165 -15.66 -29.90 14.61
CA ASP C 165 -15.54 -31.20 15.26
C ASP C 165 -14.27 -31.19 16.09
N GLY C 166 -14.36 -31.57 17.36
CA GLY C 166 -13.25 -31.38 18.26
C GLY C 166 -12.93 -29.93 18.63
N GLU C 167 -13.91 -29.02 18.50
CA GLU C 167 -13.78 -27.61 18.91
C GLU C 167 -14.85 -27.33 19.96
N PHE C 168 -14.44 -27.03 21.19
CA PHE C 168 -15.35 -26.91 22.33
C PHE C 168 -15.14 -25.56 23.02
N VAL C 169 -16.06 -24.63 22.78
CA VAL C 169 -15.79 -23.24 23.00
C VAL C 169 -16.95 -22.58 23.70
N GLU C 170 -16.66 -22.01 24.86
CA GLU C 170 -17.58 -21.21 25.64
C GLU C 170 -17.32 -19.71 25.38
N VAL C 171 -18.38 -18.90 25.40
CA VAL C 171 -18.35 -17.53 24.97
C VAL C 171 -18.55 -16.69 26.21
N ILE C 172 -17.75 -15.64 26.31
CA ILE C 172 -17.78 -14.67 27.40
C ILE C 172 -17.80 -13.28 26.73
N SER C 173 -18.73 -12.41 27.11
CA SER C 173 -18.75 -11.05 26.57
C SER C 173 -18.52 -10.15 27.74
N LEU C 174 -17.47 -9.33 27.70
CA LEU C 174 -17.16 -8.47 28.82
C LEU C 174 -17.29 -7.03 28.35
N PRO C 175 -17.77 -6.11 29.22
CA PRO C 175 -17.87 -4.75 28.73
C PRO C 175 -16.50 -4.13 28.43
N LYS C 176 -16.41 -3.45 27.28
CA LYS C 176 -15.19 -2.78 26.86
C LYS C 176 -14.69 -1.82 27.93
N ASN C 177 -15.62 -1.06 28.55
CA ASN C 177 -15.22 -0.05 29.51
C ASN C 177 -14.83 -0.56 30.91
N ASP C 178 -14.79 -1.86 31.10
CA ASP C 178 -14.19 -2.44 32.34
C ASP C 178 -13.42 -3.76 32.04
N LEU C 179 -12.78 -3.83 30.86
CA LEU C 179 -12.28 -5.14 30.40
C LEU C 179 -11.22 -5.73 31.32
N LEU C 180 -10.22 -4.94 31.70
CA LEU C 180 -9.09 -5.44 32.44
C LEU C 180 -9.53 -5.98 33.80
N GLN C 181 -10.30 -5.17 34.56
CA GLN C 181 -10.95 -5.60 35.84
C GLN C 181 -11.72 -6.88 35.70
N ARG C 182 -12.47 -7.00 34.63
CA ARG C 182 -13.28 -8.19 34.44
C ARG C 182 -12.47 -9.43 34.10
N LEU C 183 -11.39 -9.24 33.32
CA LEU C 183 -10.43 -10.32 33.07
C LEU C 183 -9.70 -10.72 34.37
N ASP C 184 -9.31 -9.71 35.14
CA ASP C 184 -8.63 -9.93 36.41
C ASP C 184 -9.52 -10.75 37.37
N ALA C 185 -10.82 -10.53 37.35
CA ALA C 185 -11.76 -11.29 38.18
C ALA C 185 -12.15 -12.69 37.68
N LEU C 186 -12.10 -12.94 36.38
CA LEU C 186 -12.18 -14.35 35.90
C LEU C 186 -10.96 -15.17 36.25
N VAL C 187 -9.79 -14.57 36.16
CA VAL C 187 -8.53 -15.21 36.53
C VAL C 187 -8.47 -15.54 38.03
N ALA C 188 -9.09 -14.69 38.85
CA ALA C 188 -9.16 -14.87 40.28
C ALA C 188 -10.05 -16.05 40.65
N GLU C 189 -11.21 -16.15 40.01
CA GLU C 189 -12.17 -17.21 40.33
C GLU C 189 -11.82 -18.61 39.75
N GLU C 190 -10.96 -18.71 38.72
CA GLU C 190 -10.60 -20.01 38.10
C GLU C 190 -9.13 -20.08 37.66
N HIS C 191 -8.61 -21.29 37.45
CA HIS C 191 -7.30 -21.46 36.81
C HIS C 191 -7.59 -21.32 35.34
N LEU C 192 -7.28 -20.14 34.83
CA LEU C 192 -7.29 -19.92 33.41
C LEU C 192 -6.33 -18.79 33.07
N THR C 193 -5.82 -18.85 31.85
CA THR C 193 -4.82 -17.90 31.38
C THR C 193 -5.45 -16.94 30.35
N VAL C 194 -5.26 -15.64 30.53
CA VAL C 194 -5.67 -14.72 29.50
C VAL C 194 -4.63 -14.67 28.39
N ASP C 195 -5.09 -14.60 27.15
CA ASP C 195 -4.21 -14.40 26.00
C ASP C 195 -3.44 -13.05 26.09
N ALA C 196 -2.20 -13.02 25.64
CA ALA C 196 -1.38 -11.79 25.72
C ALA C 196 -1.90 -10.64 24.80
N ARG C 197 -2.45 -10.95 23.67
CA ARG C 197 -3.08 -9.90 22.83
C ARG C 197 -4.35 -9.36 23.49
N VAL C 198 -5.15 -10.22 24.17
CA VAL C 198 -6.34 -9.79 24.79
C VAL C 198 -5.94 -8.89 25.94
N TYR C 199 -4.98 -9.33 26.72
CA TYR C 199 -4.53 -8.56 27.85
C TYR C 199 -3.93 -7.21 27.43
N SER C 200 -3.15 -7.20 26.36
CA SER C 200 -2.63 -5.92 25.85
C SER C 200 -3.71 -5.00 25.45
N TYR C 201 -4.72 -5.54 24.74
CA TYR C 201 -5.84 -4.72 24.36
C TYR C 201 -6.48 -4.09 25.57
N ALA C 202 -6.68 -4.90 26.61
CA ALA C 202 -7.43 -4.44 27.77
C ALA C 202 -6.60 -3.37 28.52
N LEU C 203 -5.29 -3.54 28.52
CA LEU C 203 -4.43 -2.56 29.17
C LEU C 203 -4.54 -1.23 28.41
N ALA C 204 -4.43 -1.26 27.08
CA ALA C 204 -4.57 0.02 26.36
C ALA C 204 -5.93 0.73 26.64
N LEU C 205 -6.99 -0.05 26.79
CA LEU C 205 -8.32 0.54 27.01
C LEU C 205 -8.29 1.30 28.34
N LYS C 206 -7.74 0.67 29.37
CA LYS C 206 -7.49 1.36 30.62
C LYS C 206 -6.58 2.61 30.50
N HIS C 207 -5.45 2.51 29.81
CA HIS C 207 -4.49 3.62 29.69
C HIS C 207 -4.86 4.81 28.79
N ALA C 208 -5.70 4.62 27.78
CA ALA C 208 -6.18 5.73 26.96
C ALA C 208 -6.98 6.72 27.80
N LYS D 15 -13.13 -30.41 33.21
CA LYS D 15 -13.82 -31.21 32.16
C LYS D 15 -12.76 -31.87 31.26
N GLN D 16 -11.89 -31.08 30.60
CA GLN D 16 -10.77 -31.66 29.81
C GLN D 16 -9.48 -31.73 30.60
N TYR D 17 -8.56 -32.61 30.18
CA TYR D 17 -7.31 -32.78 30.91
C TYR D 17 -6.27 -33.36 29.99
N ILE D 18 -5.02 -33.19 30.40
CA ILE D 18 -3.85 -33.75 29.74
C ILE D 18 -3.67 -35.18 30.27
N ILE D 19 -3.53 -36.11 29.34
CA ILE D 19 -3.34 -37.53 29.62
C ILE D 19 -1.85 -37.81 29.64
N SER D 20 -1.12 -37.38 28.61
CA SER D 20 0.35 -37.56 28.61
C SER D 20 1.07 -36.65 27.67
N GLU D 21 2.38 -36.49 27.87
CA GLU D 21 3.22 -35.66 27.01
C GLU D 21 4.48 -36.42 26.57
N GLU D 22 4.58 -36.66 25.26
CA GLU D 22 5.69 -37.38 24.67
C GLU D 22 6.65 -36.36 24.03
N LEU D 23 7.87 -36.29 24.56
CA LEU D 23 8.96 -35.56 23.94
C LEU D 23 9.20 -36.10 22.53
N ILE D 24 9.13 -35.23 21.52
CA ILE D 24 9.41 -35.55 20.10
C ILE D 24 10.81 -35.15 19.73
N SER D 25 11.19 -33.93 20.10
CA SER D 25 12.52 -33.40 19.77
C SER D 25 12.80 -32.19 20.67
N GLU D 26 14.05 -32.10 21.11
CA GLU D 26 14.51 -31.24 22.19
C GLU D 26 15.84 -30.60 21.81
N GLY D 27 15.84 -29.29 21.56
CA GLY D 27 17.05 -28.53 21.28
C GLY D 27 17.53 -27.86 22.54
N LYS D 28 18.41 -26.87 22.38
CA LYS D 28 18.96 -26.11 23.52
C LYS D 28 17.94 -25.16 24.14
N TRP D 29 17.04 -24.60 23.32
CA TRP D 29 16.06 -23.62 23.81
C TRP D 29 14.58 -24.01 23.64
N VAL D 30 14.29 -24.96 22.75
CA VAL D 30 12.93 -25.25 22.32
C VAL D 30 12.72 -26.74 22.19
N LYS D 31 11.57 -27.23 22.65
CA LYS D 31 11.19 -28.66 22.55
C LYS D 31 9.79 -28.76 21.93
N LEU D 32 9.57 -29.88 21.26
CA LEU D 32 8.35 -30.20 20.61
C LEU D 32 7.83 -31.48 21.29
N GLU D 33 6.54 -31.52 21.63
CA GLU D 33 5.92 -32.64 22.31
C GLU D 33 4.71 -33.02 21.57
N LYS D 34 4.39 -34.32 21.68
CA LYS D 34 3.11 -34.83 21.26
C LYS D 34 2.34 -34.91 22.57
N THR D 35 1.23 -34.20 22.61
CA THR D 35 0.37 -34.05 23.77
C THR D 35 -0.87 -34.91 23.56
N THR D 36 -1.26 -35.70 24.56
CA THR D 36 -2.54 -36.42 24.51
C THR D 36 -3.48 -35.88 25.53
N TYR D 37 -4.75 -35.78 25.19
CA TYR D 37 -5.70 -35.16 26.11
C TYR D 37 -7.11 -35.65 25.85
N MET D 38 -7.99 -35.37 26.80
CA MET D 38 -9.35 -35.84 26.78
C MET D 38 -10.28 -34.67 26.54
N ASP D 39 -11.01 -34.70 25.42
CA ASP D 39 -12.06 -33.74 25.13
C ASP D 39 -13.27 -34.03 25.99
N PRO D 40 -14.25 -33.11 26.00
CA PRO D 40 -15.36 -33.31 26.91
C PRO D 40 -16.45 -34.27 26.38
N THR D 41 -16.26 -34.90 25.21
CA THR D 41 -17.05 -36.10 24.87
C THR D 41 -16.59 -37.25 25.78
N GLY D 42 -15.29 -37.31 26.06
CA GLY D 42 -14.63 -38.45 26.65
C GLY D 42 -13.67 -39.15 25.67
N LYS D 43 -13.42 -38.56 24.51
CA LYS D 43 -12.53 -39.12 23.48
C LYS D 43 -11.07 -38.62 23.60
N THR D 44 -10.13 -39.47 23.20
CA THR D 44 -8.70 -39.19 23.30
C THR D 44 -8.18 -38.56 22.02
N ARG D 45 -7.73 -37.30 22.11
CA ARG D 45 -7.08 -36.60 20.99
C ARG D 45 -5.62 -36.28 21.27
N THR D 46 -4.90 -35.95 20.19
CA THR D 46 -3.52 -35.54 20.32
C THR D 46 -3.33 -34.09 19.82
N TRP D 47 -2.14 -33.55 20.05
CA TRP D 47 -1.80 -32.12 19.73
C TRP D 47 -0.30 -32.04 19.71
N GLU D 48 0.30 -31.28 18.79
CA GLU D 48 1.74 -31.02 18.87
C GLU D 48 1.95 -29.66 19.54
N SER D 49 2.86 -29.62 20.51
CA SER D 49 2.99 -28.50 21.44
C SER D 49 4.46 -28.13 21.56
N VAL D 50 4.71 -26.82 21.59
CA VAL D 50 6.03 -26.29 21.67
C VAL D 50 6.23 -25.74 23.09
N LYS D 51 7.40 -25.99 23.66
CA LYS D 51 7.76 -25.41 24.95
C LYS D 51 9.19 -25.00 24.92
N ARG D 52 9.53 -24.03 25.77
CA ARG D 52 10.91 -23.61 25.95
C ARG D 52 11.55 -24.53 26.98
N THR D 53 12.87 -24.63 26.95
CA THR D 53 13.62 -25.46 27.91
C THR D 53 14.10 -24.74 29.16
N THR D 54 13.55 -23.56 29.45
CA THR D 54 14.19 -22.53 30.31
C THR D 54 13.25 -21.97 31.38
N ALA D 60 6.47 -17.41 34.89
CA ALA D 60 6.40 -17.29 33.42
C ALA D 60 7.75 -17.44 32.76
N ASP D 61 7.74 -17.58 31.43
CA ASP D 61 8.96 -17.58 30.67
C ASP D 61 9.63 -16.23 30.67
N GLY D 62 8.88 -15.21 30.28
CA GLY D 62 9.42 -13.90 30.11
C GLY D 62 8.56 -12.77 30.62
N VAL D 63 9.06 -11.58 30.29
CA VAL D 63 8.32 -10.35 30.46
C VAL D 63 8.38 -9.56 29.16
N ALA D 64 7.34 -8.75 28.99
CA ALA D 64 7.31 -7.72 27.96
C ALA D 64 6.92 -6.48 28.71
N VAL D 65 7.60 -5.39 28.39
CA VAL D 65 7.40 -4.12 29.08
C VAL D 65 6.71 -3.15 28.12
N ILE D 66 5.69 -2.48 28.63
CA ILE D 66 5.03 -1.41 27.96
C ILE D 66 5.57 -0.12 28.63
N PRO D 67 6.56 0.54 28.01
CA PRO D 67 7.22 1.65 28.66
C PRO D 67 6.60 3.02 28.19
N VAL D 68 6.03 3.77 29.11
CA VAL D 68 5.36 5.01 28.84
C VAL D 68 6.29 6.19 29.27
N LEU D 69 6.91 6.81 28.28
CA LEU D 69 7.83 7.93 28.55
C LEU D 69 6.99 9.20 28.74
N GLN D 70 7.02 9.70 29.98
CA GLN D 70 6.31 10.89 30.44
C GLN D 70 7.23 12.10 30.72
N ARG D 71 6.76 13.28 30.33
CA ARG D 71 7.51 14.53 30.44
C ARG D 71 6.43 15.60 30.55
N THR D 72 6.51 16.41 31.58
CA THR D 72 5.51 17.44 31.78
C THR D 72 5.45 18.34 30.56
N LEU D 73 4.22 18.83 30.26
CA LEU D 73 4.04 19.69 29.09
C LEU D 73 4.25 18.99 27.73
N HIS D 74 4.33 17.67 27.75
CA HIS D 74 4.58 16.90 26.50
C HIS D 74 3.63 15.70 26.40
N TYR D 75 3.39 15.21 25.18
CA TYR D 75 2.60 13.95 25.02
C TYR D 75 3.45 12.75 25.47
N GLU D 76 2.80 11.63 25.76
CA GLU D 76 3.48 10.45 26.22
C GLU D 76 3.92 9.75 24.99
N CYS D 77 5.00 9.01 25.13
CA CYS D 77 5.47 8.15 24.08
C CYS D 77 5.56 6.75 24.63
N ILE D 78 5.47 5.80 23.71
CA ILE D 78 5.55 4.37 24.00
C ILE D 78 6.88 4.00 23.41
N VAL D 79 7.76 3.53 24.27
CA VAL D 79 9.07 3.12 23.81
C VAL D 79 9.05 1.67 23.30
N LEU D 80 9.40 1.48 22.04
CA LEU D 80 9.43 0.18 21.44
C LEU D 80 10.84 -0.10 21.02
N VAL D 81 11.07 -1.32 20.56
CA VAL D 81 12.33 -1.71 20.09
C VAL D 81 12.22 -2.45 18.78
N LYS D 82 13.25 -2.34 17.95
CA LYS D 82 13.32 -3.00 16.67
C LYS D 82 14.58 -3.84 16.65
N GLN D 83 14.47 -5.05 16.10
CA GLN D 83 15.57 -6.00 16.07
C GLN D 83 15.29 -7.07 15.07
N PHE D 84 16.37 -7.66 14.58
CA PHE D 84 16.34 -8.84 13.73
C PHE D 84 15.83 -10.10 14.51
N ARG D 85 14.83 -10.77 13.95
CA ARG D 85 14.27 -11.99 14.56
C ARG D 85 14.48 -13.17 13.64
N PRO D 86 15.48 -14.02 13.98
CA PRO D 86 15.74 -15.19 13.13
C PRO D 86 14.52 -15.97 12.73
N PRO D 87 13.62 -16.30 13.68
CA PRO D 87 12.45 -17.05 13.24
C PRO D 87 11.56 -16.35 12.19
N MET D 88 11.50 -15.03 12.25
CA MET D 88 10.73 -14.19 11.30
C MET D 88 11.49 -13.91 10.01
N GLY D 89 12.80 -14.18 10.01
CA GLY D 89 13.60 -13.85 8.84
C GLY D 89 13.70 -12.34 8.61
N GLY D 90 13.45 -11.51 9.63
CA GLY D 90 13.36 -10.07 9.37
C GLY D 90 13.32 -9.29 10.63
N TYR D 91 13.16 -8.00 10.49
CA TYR D 91 13.13 -7.08 11.60
C TYR D 91 11.66 -6.92 12.14
N CYS D 92 11.54 -6.81 13.48
CA CYS D 92 10.24 -6.77 14.15
C CYS D 92 10.24 -5.62 15.07
N ILE D 93 9.13 -4.96 15.21
CA ILE D 93 8.98 -3.87 16.18
C ILE D 93 8.18 -4.45 17.32
N GLU D 94 8.68 -4.36 18.56
CA GLU D 94 8.08 -5.05 19.71
C GLU D 94 8.22 -4.21 20.93
N PHE D 95 7.44 -4.54 21.97
CA PHE D 95 7.71 -4.02 23.29
C PHE D 95 9.03 -4.63 23.77
N PRO D 96 9.84 -3.86 24.50
CA PRO D 96 11.08 -4.46 25.03
C PRO D 96 10.72 -5.69 25.89
N ALA D 97 11.58 -6.68 25.87
CA ALA D 97 11.18 -7.96 26.41
C ALA D 97 12.43 -8.79 26.62
N GLY D 98 12.34 -9.69 27.59
CA GLY D 98 13.35 -10.73 27.78
C GLY D 98 12.87 -11.80 28.72
N LEU D 99 13.67 -12.87 28.79
CA LEU D 99 13.38 -13.96 29.72
C LEU D 99 13.64 -13.51 31.16
N ILE D 100 12.87 -14.07 32.11
CA ILE D 100 13.07 -13.80 33.51
C ILE D 100 14.21 -14.73 34.00
N ASP D 101 15.17 -14.15 34.69
CA ASP D 101 16.33 -14.92 35.21
C ASP D 101 15.84 -15.79 36.40
N ASP D 102 16.50 -16.92 36.64
CA ASP D 102 16.25 -17.76 37.85
C ASP D 102 16.33 -16.91 39.10
N GLY D 103 15.27 -16.95 39.92
CA GLY D 103 15.14 -16.16 41.13
C GLY D 103 14.52 -14.78 41.00
N GLU D 104 14.70 -14.14 39.85
CA GLU D 104 14.38 -12.70 39.71
C GLU D 104 12.85 -12.52 39.58
N THR D 105 12.27 -11.52 40.22
CA THR D 105 10.83 -11.27 40.14
C THR D 105 10.49 -10.77 38.69
N PRO D 106 9.21 -10.88 38.26
CA PRO D 106 8.81 -10.23 36.98
C PRO D 106 9.09 -8.71 36.95
N GLU D 107 8.73 -8.00 37.99
CA GLU D 107 8.99 -6.53 38.06
C GLU D 107 10.45 -6.18 37.86
N ALA D 108 11.35 -6.90 38.54
CA ALA D 108 12.78 -6.58 38.45
C ALA D 108 13.23 -6.90 37.06
N ALA D 109 12.73 -8.02 36.51
CA ALA D 109 13.13 -8.42 35.18
C ALA D 109 12.67 -7.34 34.18
N ALA D 110 11.50 -6.77 34.45
CA ALA D 110 10.99 -5.71 33.55
C ALA D 110 11.92 -4.48 33.57
N LEU D 111 12.27 -3.98 34.76
CA LEU D 111 13.20 -2.82 34.84
C LEU D 111 14.57 -3.13 34.24
N ARG D 112 15.05 -4.35 34.42
CA ARG D 112 16.40 -4.69 33.91
C ARG D 112 16.37 -4.73 32.44
N GLU D 113 15.43 -5.47 31.93
CA GLU D 113 15.27 -5.55 30.51
C GLU D 113 15.00 -4.21 29.87
N LEU D 114 14.18 -3.35 30.48
CA LEU D 114 13.91 -2.03 29.88
C LEU D 114 15.22 -1.21 29.77
N GLU D 115 15.98 -1.14 30.88
CA GLU D 115 17.37 -0.56 30.84
C GLU D 115 18.30 -1.24 29.80
N GLU D 116 18.42 -2.56 29.81
CA GLU D 116 19.30 -3.17 28.84
C GLU D 116 19.00 -2.78 27.40
N GLU D 117 17.72 -2.80 27.04
CA GLU D 117 17.37 -2.64 25.64
C GLU D 117 17.20 -1.14 25.19
N THR D 118 16.93 -0.28 26.15
CA THR D 118 16.66 1.12 25.90
C THR D 118 17.43 2.18 26.71
N GLY D 119 18.15 1.79 27.74
CA GLY D 119 18.77 2.78 28.67
C GLY D 119 17.84 3.39 29.71
N TYR D 120 16.50 3.30 29.55
CA TYR D 120 15.62 3.96 30.52
C TYR D 120 15.47 3.24 31.89
N LYS D 121 15.23 4.05 32.91
CA LYS D 121 15.09 3.66 34.27
C LYS D 121 13.64 3.94 34.68
N GLY D 122 12.82 2.91 34.82
CA GLY D 122 11.40 3.11 35.02
C GLY D 122 10.91 2.84 36.38
N ASP D 123 9.67 3.16 36.59
CA ASP D 123 8.93 2.78 37.75
C ASP D 123 7.84 1.77 37.34
N ILE D 124 7.73 0.68 38.09
CA ILE D 124 6.63 -0.28 37.94
C ILE D 124 5.30 0.43 38.17
N ALA D 125 4.38 0.38 37.20
CA ALA D 125 3.03 0.87 37.39
C ALA D 125 2.12 -0.32 37.65
N GLU D 126 2.26 -1.40 36.88
CA GLU D 126 1.42 -2.60 37.07
C GLU D 126 2.06 -3.79 36.39
N CYS D 127 1.62 -4.98 36.79
CA CYS D 127 2.17 -6.24 36.35
C CYS D 127 1.05 -7.23 36.12
N SER D 128 0.96 -7.83 34.93
CA SER D 128 -0.11 -8.79 34.66
C SER D 128 0.20 -10.12 35.33
N PRO D 129 -0.81 -10.96 35.49
CA PRO D 129 -0.50 -12.37 35.69
C PRO D 129 0.13 -12.98 34.43
N ALA D 130 0.48 -14.25 34.45
CA ALA D 130 1.12 -14.86 33.32
C ALA D 130 0.07 -14.94 32.21
N VAL D 131 0.46 -14.50 31.03
CA VAL D 131 -0.49 -14.47 29.89
C VAL D 131 0.17 -15.30 28.83
N CYS D 132 -0.64 -15.96 28.00
CA CYS D 132 -0.11 -16.87 26.99
C CYS D 132 0.23 -16.17 25.67
N MET D 133 1.32 -16.60 25.07
CA MET D 133 1.82 -16.03 23.83
C MET D 133 1.11 -16.55 22.59
N ASP D 134 0.98 -17.88 22.49
CA ASP D 134 0.31 -18.46 21.36
C ASP D 134 -0.23 -19.85 21.78
N PRO D 135 -1.38 -19.88 22.47
CA PRO D 135 -1.70 -21.03 23.33
C PRO D 135 -2.13 -22.23 22.51
N GLY D 136 -2.58 -21.99 21.26
CA GLY D 136 -2.81 -23.02 20.26
C GLY D 136 -1.54 -23.77 19.81
N LEU D 137 -0.34 -23.25 20.15
CA LEU D 137 0.94 -23.79 19.65
C LEU D 137 2.00 -24.05 20.74
N SER D 138 2.08 -23.18 21.72
CA SER D 138 3.14 -23.24 22.68
C SER D 138 2.58 -23.04 24.04
N ASN D 139 3.39 -23.35 25.06
CA ASN D 139 2.97 -23.11 26.43
C ASN D 139 3.52 -21.80 26.92
N CYS D 140 4.07 -20.98 26.04
CA CYS D 140 4.88 -19.88 26.49
C CYS D 140 3.98 -18.80 27.06
N THR D 141 4.51 -18.19 28.11
CA THR D 141 3.84 -17.15 28.81
C THR D 141 4.76 -15.98 29.16
N ILE D 142 4.16 -14.86 29.51
CA ILE D 142 4.90 -13.70 29.96
C ILE D 142 4.11 -12.96 30.95
N HIS D 143 4.79 -12.06 31.67
CA HIS D 143 4.10 -11.02 32.37
C HIS D 143 4.23 -9.76 31.52
N ILE D 144 3.13 -9.07 31.27
CA ILE D 144 3.13 -7.77 30.67
C ILE D 144 3.24 -6.73 31.80
N VAL D 145 4.35 -5.97 31.83
CA VAL D 145 4.62 -5.06 32.94
C VAL D 145 4.59 -3.66 32.37
N THR D 146 3.66 -2.86 32.87
CA THR D 146 3.48 -1.46 32.46
C THR D 146 4.46 -0.64 33.31
N VAL D 147 5.36 0.11 32.68
CA VAL D 147 6.44 0.84 33.35
C VAL D 147 6.37 2.32 32.94
N THR D 148 6.20 3.23 33.90
CA THR D 148 6.36 4.68 33.58
C THR D 148 7.83 5.10 33.66
N ILE D 149 8.27 5.92 32.72
CA ILE D 149 9.59 6.44 32.67
C ILE D 149 9.42 7.94 32.94
N ASN D 150 9.95 8.43 34.08
CA ASN D 150 10.02 9.88 34.36
C ASN D 150 11.07 10.49 33.48
N GLY D 151 10.65 10.98 32.31
CA GLY D 151 11.55 11.66 31.39
C GLY D 151 12.06 13.01 31.88
N ASP D 152 11.45 13.59 32.91
CA ASP D 152 12.00 14.85 33.57
C ASP D 152 13.19 14.61 34.58
N ASP D 153 13.66 13.37 34.70
CA ASP D 153 14.81 13.03 35.53
C ASP D 153 16.06 12.98 34.66
N ALA D 154 17.18 13.40 35.24
CA ALA D 154 18.46 13.47 34.53
C ALA D 154 18.94 12.07 34.07
N GLU D 155 18.71 11.05 34.89
CA GLU D 155 19.11 9.68 34.54
C GLU D 155 18.47 9.22 33.23
N ASN D 156 17.30 9.77 32.89
CA ASN D 156 16.64 9.51 31.60
C ASN D 156 16.81 10.55 30.52
N ALA D 157 17.82 11.44 30.64
CA ALA D 157 18.02 12.50 29.65
C ALA D 157 18.46 12.04 28.24
N ARG D 158 19.62 11.38 28.13
CA ARG D 158 20.15 10.91 26.81
C ARG D 158 20.74 9.50 26.93
N PRO D 159 19.91 8.54 27.41
CA PRO D 159 20.38 7.25 27.95
C PRO D 159 20.82 6.27 26.86
N LYS D 160 21.79 5.41 27.21
CA LYS D 160 22.38 4.41 26.28
C LYS D 160 21.88 2.97 26.58
N PRO D 161 21.41 2.24 25.53
CA PRO D 161 21.13 0.82 25.83
C PRO D 161 22.44 0.12 26.24
N LYS D 162 22.36 -0.91 27.10
CA LYS D 162 23.49 -1.79 27.40
C LYS D 162 23.20 -3.27 26.97
N PRO D 163 23.37 -3.57 25.68
CA PRO D 163 23.09 -4.94 25.25
C PRO D 163 24.18 -5.95 25.62
N GLY D 164 23.77 -7.22 25.74
CA GLY D 164 24.68 -8.36 25.93
C GLY D 164 25.25 -8.84 24.62
N ASP D 165 25.98 -9.96 24.68
CA ASP D 165 26.71 -10.45 23.49
C ASP D 165 25.68 -10.81 22.48
N GLY D 166 25.83 -10.28 21.27
CA GLY D 166 24.94 -10.59 20.17
C GLY D 166 23.49 -10.16 20.33
N GLU D 167 23.24 -9.08 21.09
CA GLU D 167 21.93 -8.42 21.16
C GLU D 167 22.06 -7.08 20.43
N PHE D 168 21.17 -6.82 19.47
CA PHE D 168 21.29 -5.65 18.59
C PHE D 168 19.89 -5.06 18.43
N VAL D 169 19.67 -3.93 19.10
CA VAL D 169 18.34 -3.44 19.34
C VAL D 169 18.32 -1.92 19.17
N GLU D 170 17.50 -1.43 18.25
CA GLU D 170 17.25 0.00 18.05
C GLU D 170 16.01 0.40 18.82
N VAL D 171 16.07 1.54 19.50
CA VAL D 171 14.94 2.11 20.22
C VAL D 171 14.14 2.90 19.17
N ILE D 172 12.82 2.79 19.26
CA ILE D 172 11.88 3.48 18.36
C ILE D 172 10.82 3.98 19.28
N SER D 173 10.89 5.26 19.62
CA SER D 173 9.91 5.84 20.52
C SER D 173 8.82 6.49 19.67
N LEU D 174 7.53 6.18 19.96
CA LEU D 174 6.40 6.69 19.17
C LEU D 174 5.42 7.36 20.06
N PRO D 175 4.81 8.44 19.56
CA PRO D 175 3.81 9.06 20.36
C PRO D 175 2.63 8.12 20.61
N LYS D 176 2.25 8.02 21.86
CA LYS D 176 1.10 7.29 22.27
C LYS D 176 -0.20 7.71 21.55
N ASN D 177 -0.38 9.03 21.37
CA ASN D 177 -1.58 9.58 20.76
C ASN D 177 -1.82 9.20 19.31
N ASP D 178 -0.80 8.78 18.58
CA ASP D 178 -1.04 8.43 17.21
C ASP D 178 -0.41 7.11 16.91
N LEU D 179 -0.36 6.20 17.89
CA LEU D 179 0.48 5.03 17.80
C LEU D 179 0.11 4.13 16.63
N LEU D 180 -1.20 3.86 16.50
CA LEU D 180 -1.67 2.94 15.48
C LEU D 180 -1.24 3.44 14.06
N GLN D 181 -1.43 4.74 13.77
CA GLN D 181 -1.10 5.28 12.41
C GLN D 181 0.42 5.21 12.13
N ARG D 182 1.20 5.43 13.17
CA ARG D 182 2.64 5.41 13.04
C ARG D 182 3.13 4.04 12.78
N LEU D 183 2.48 3.03 13.36
CA LEU D 183 2.86 1.65 13.10
C LEU D 183 2.47 1.29 11.68
N ASP D 184 1.24 1.61 11.34
CA ASP D 184 0.77 1.36 9.95
C ASP D 184 1.74 2.02 8.96
N ALA D 185 2.15 3.26 9.25
CA ALA D 185 3.09 4.04 8.38
C ALA D 185 4.45 3.33 8.19
N LEU D 186 5.06 2.92 9.31
CA LEU D 186 6.27 2.07 9.26
C LEU D 186 6.13 0.84 8.45
N VAL D 187 5.04 0.14 8.62
CA VAL D 187 4.75 -1.06 7.87
C VAL D 187 4.55 -0.80 6.38
N ALA D 188 3.97 0.36 6.02
CA ALA D 188 3.69 0.62 4.60
C ALA D 188 5.01 0.87 3.83
N GLU D 189 6.03 1.32 4.56
CA GLU D 189 7.27 1.79 3.94
C GLU D 189 8.55 0.98 4.15
N GLU D 190 8.62 0.20 5.24
CA GLU D 190 9.80 -0.56 5.58
C GLU D 190 9.52 -2.03 5.70
N HIS D 191 10.60 -2.79 5.48
CA HIS D 191 10.59 -4.22 5.51
C HIS D 191 10.66 -4.53 7.00
N LEU D 192 9.49 -4.58 7.64
CA LEU D 192 9.47 -4.96 9.07
C LEU D 192 8.09 -5.51 9.43
N THR D 193 8.01 -6.17 10.58
CA THR D 193 6.74 -6.68 11.11
C THR D 193 6.49 -6.08 12.52
N VAL D 194 5.25 -5.62 12.77
CA VAL D 194 4.89 -5.13 14.06
C VAL D 194 4.39 -6.38 14.83
N ASP D 195 4.68 -6.42 16.09
CA ASP D 195 4.23 -7.46 16.97
C ASP D 195 2.77 -7.33 17.31
N ALA D 196 2.14 -8.48 17.47
CA ALA D 196 0.70 -8.51 17.68
C ALA D 196 0.26 -7.87 18.96
N ARG D 197 1.10 -7.92 19.99
N ARG D 197 1.09 -7.97 20.01
CA ARG D 197 0.74 -7.30 21.26
CA ARG D 197 0.82 -7.31 21.30
C ARG D 197 0.86 -5.78 21.19
C ARG D 197 0.84 -5.79 21.14
N VAL D 198 1.86 -5.28 20.46
CA VAL D 198 1.96 -3.83 20.18
C VAL D 198 0.76 -3.34 19.37
N TYR D 199 0.38 -4.10 18.35
CA TYR D 199 -0.72 -3.71 17.50
C TYR D 199 -2.10 -3.75 18.22
N SER D 200 -2.30 -4.78 19.04
CA SER D 200 -3.51 -4.88 19.84
C SER D 200 -3.53 -3.74 20.77
N TYR D 201 -2.38 -3.42 21.39
CA TYR D 201 -2.28 -2.20 22.26
C TYR D 201 -2.68 -0.93 21.53
N ALA D 202 -2.12 -0.75 20.34
CA ALA D 202 -2.40 0.43 19.55
C ALA D 202 -3.92 0.53 19.10
N LEU D 203 -4.52 -0.61 18.76
CA LEU D 203 -5.93 -0.67 18.37
C LEU D 203 -6.82 -0.21 19.50
N ALA D 204 -6.56 -0.72 20.70
CA ALA D 204 -7.35 -0.34 21.88
C ALA D 204 -7.26 1.11 22.28
N LEU D 205 -6.12 1.76 22.04
CA LEU D 205 -6.05 3.24 22.22
C LEU D 205 -7.08 3.93 21.35
N LYS D 206 -7.36 3.42 20.17
CA LYS D 206 -8.36 4.02 19.31
C LYS D 206 -9.77 3.59 19.65
N HIS D 207 -9.93 2.32 20.05
CA HIS D 207 -11.25 1.77 20.33
C HIS D 207 -11.78 2.28 21.67
N ALA D 208 -10.87 2.63 22.56
CA ALA D 208 -11.24 3.12 23.89
C ALA D 208 -12.37 4.13 23.85
N ASN D 209 -13.22 4.04 24.87
CA ASN D 209 -14.34 4.94 25.08
C ASN D 209 -15.42 4.77 24.01
#